data_1KMO
#
_entry.id   1KMO
#
_cell.length_a   117.083
_cell.length_b   88.086
_cell.length_c   94.578
_cell.angle_alpha   90.00
_cell.angle_beta   90.00
_cell.angle_gamma   90.00
#
_symmetry.space_group_name_H-M   'P 21 21 2'
#
loop_
_entity.id
_entity.type
_entity.pdbx_description
1 polymer 'Iron(III) dicitrate transport protein fecA'
2 non-polymer 'LAURYL DIMETHYLAMINE-N-OXIDE'
3 non-polymer HEPTANE-1,2,3-TRIOL
4 water water
#
_entity_poly.entity_id   1
_entity_poly.type   'polypeptide(L)'
_entity_poly.pdbx_seq_one_letter_code
;MTPLRVFRKTTPLVNTIRLSLLPLAGLSFSAFAAQVNIAPGSLDKALNQYAAHSGFTLSVDASLTRGKQSNGLHGDYDVE
SGLQQLLDGSGLQVKPLGNNSWTLEPAPAPKEDALTVVGDWLGDARENDVFEHAGARDVIRREDFAKTGATTMREVLNRI
PGVSAPENNGTGSHDLAMNFGIRGLNPRLASRSTVLMDGIPVPFAPYGQPQLSLAPVSLGNMDAIDVVRGGGAVRYGPQS
VGGVVNFVTRAIPQDFGIEAGVEGQLSPTSSQNNPKETHNLMVGGTADNGFGTALLYSGTRGSDWREHSATRIDDLMLKS
KYAPDEVHTFNSLLQYYDGEADMPGGLSRADYDADRWQSTRPYDRFWGRRKLASLGYQFQPDSQHKFNIQGFYTQTLRSG
YLEQGKRITLSPRNYWVRGIEPRYSQIFMIGPSAHEVGVGYRYLNESTHEMRYYTATSSGQLPSGSSPYDRDTRSGTEAH
AWYLDDKIDIGNWTITPGMRFEHIESYQNNAITGTHEEVSYNAPLPALNVLYHLTDSWNLYANTEGSFGTVQYSQIGKAV
QSGNVEPEKARTWELGTRYDDGALTAEMGLFLINFNNQYDSNQTNDTVTARGKTRHTGLETQARYDLGTLTPTLDNVSIY
ASYAYVNAEIREKGDTYGNLVPFSPKHKGTLGVDYKPGNWTFNLNSDFQSSQFADNANTVKESADGSTGRIPGFMLWGAR
VAYDFGPQMADLNLAFGVKNIFDQDYFIRSYDDNNKGIYAGQPRTLYMQGSLKF
;
_entity_poly.pdbx_strand_id   A
#
loop_
_chem_comp.id
_chem_comp.type
_chem_comp.name
_chem_comp.formula
HTO non-polymer HEPTANE-1,2,3-TRIOL 'C7 H16 O3'
LDA non-polymer 'LAURYL DIMETHYLAMINE-N-OXIDE' 'C14 H31 N O'
#
# COMPACT_ATOMS: atom_id res chain seq x y z
N ALA A 114 -29.75 -10.73 16.60
CA ALA A 114 -29.73 -10.77 18.10
C ALA A 114 -28.49 -10.06 18.61
N LEU A 115 -28.44 -8.75 18.37
CA LEU A 115 -27.30 -7.90 18.77
C LEU A 115 -25.97 -8.62 18.94
N THR A 116 -25.12 -8.47 17.94
CA THR A 116 -23.78 -9.07 17.95
C THR A 116 -22.82 -7.92 17.64
N VAL A 117 -21.88 -7.70 18.55
CA VAL A 117 -20.91 -6.65 18.35
C VAL A 117 -20.02 -7.04 17.19
N VAL A 118 -19.75 -6.09 16.31
CA VAL A 118 -18.89 -6.36 15.16
C VAL A 118 -17.48 -6.17 15.66
N GLY A 119 -17.23 -5.01 16.25
CA GLY A 119 -15.92 -4.71 16.76
C GLY A 119 -15.01 -4.20 15.66
N ASP A 120 -14.06 -5.03 15.24
CA ASP A 120 -13.11 -4.62 14.21
C ASP A 120 -13.62 -4.92 12.79
N TRP A 121 -14.07 -3.86 12.11
CA TRP A 121 -14.57 -4.01 10.76
C TRP A 121 -13.49 -4.11 9.68
N LEU A 122 -12.22 -3.96 10.07
CA LEU A 122 -11.11 -4.04 9.12
C LEU A 122 -10.73 -5.54 9.10
N GLY A 123 -10.11 -5.95 10.20
CA GLY A 123 -9.70 -7.32 10.38
C GLY A 123 -9.32 -8.10 9.15
N ASP A 124 -10.04 -9.17 8.91
CA ASP A 124 -9.77 -10.02 7.76
C ASP A 124 -10.53 -9.66 6.52
N ALA A 125 -10.99 -8.42 6.45
CA ALA A 125 -11.70 -7.93 5.27
C ALA A 125 -12.90 -8.81 4.85
N ARG A 126 -13.80 -9.04 5.80
CA ARG A 126 -14.99 -9.87 5.56
C ARG A 126 -15.87 -9.21 4.52
N GLU A 127 -16.41 -10.02 3.62
CA GLU A 127 -17.24 -9.49 2.54
C GLU A 127 -18.33 -8.56 3.05
N ASN A 128 -19.02 -8.99 4.11
CA ASN A 128 -20.11 -8.20 4.66
C ASN A 128 -19.69 -6.86 5.25
N ASP A 129 -18.55 -6.80 5.93
CA ASP A 129 -18.10 -5.52 6.48
C ASP A 129 -17.79 -4.58 5.32
N VAL A 130 -17.26 -5.12 4.23
CA VAL A 130 -16.96 -4.27 3.09
C VAL A 130 -18.26 -3.77 2.45
N PHE A 131 -19.22 -4.66 2.24
CA PHE A 131 -20.48 -4.23 1.61
C PHE A 131 -21.19 -3.17 2.45
N GLU A 132 -21.12 -3.33 3.77
CA GLU A 132 -21.75 -2.42 4.76
C GLU A 132 -20.88 -1.21 5.13
N HIS A 133 -19.71 -1.10 4.50
CA HIS A 133 -18.82 0.01 4.80
C HIS A 133 -19.34 1.37 4.31
N ALA A 134 -19.47 2.33 5.21
CA ALA A 134 -19.96 3.67 4.84
C ALA A 134 -18.85 4.59 4.31
N GLY A 135 -18.24 4.17 3.21
CA GLY A 135 -17.16 4.95 2.60
C GLY A 135 -16.54 4.11 1.49
N ALA A 136 -15.70 4.70 0.66
CA ALA A 136 -15.04 3.96 -0.40
C ALA A 136 -14.10 2.88 0.18
N ARG A 137 -14.32 1.63 -0.23
CA ARG A 137 -13.50 0.54 0.26
C ARG A 137 -13.53 -0.62 -0.74
N ASP A 138 -12.36 -1.12 -1.12
CA ASP A 138 -12.29 -2.24 -2.05
C ASP A 138 -11.30 -3.28 -1.56
N VAL A 139 -11.65 -4.55 -1.76
CA VAL A 139 -10.77 -5.63 -1.37
C VAL A 139 -10.49 -6.55 -2.57
N ILE A 140 -9.27 -7.06 -2.69
CA ILE A 140 -8.99 -8.04 -3.72
C ILE A 140 -8.41 -9.20 -2.93
N ARG A 141 -9.03 -10.37 -3.06
CA ARG A 141 -8.63 -11.57 -2.32
C ARG A 141 -7.65 -12.47 -3.08
N ARG A 142 -6.92 -13.29 -2.33
CA ARG A 142 -5.89 -14.18 -2.89
C ARG A 142 -6.35 -14.95 -4.14
N GLU A 143 -7.61 -15.35 -4.14
CA GLU A 143 -8.19 -16.09 -5.24
C GLU A 143 -8.03 -15.38 -6.56
N ASP A 144 -8.11 -14.05 -6.54
CA ASP A 144 -7.98 -13.32 -7.78
C ASP A 144 -6.62 -12.73 -8.09
N PHE A 145 -5.62 -13.05 -7.27
CA PHE A 145 -4.27 -12.49 -7.51
C PHE A 145 -3.68 -12.97 -8.81
N ALA A 146 -3.79 -14.28 -9.01
CA ALA A 146 -3.16 -14.91 -10.18
C ALA A 146 -3.69 -14.60 -11.57
N LYS A 147 -4.94 -14.15 -11.68
CA LYS A 147 -5.53 -13.91 -12.97
C LYS A 147 -4.79 -12.93 -13.91
N THR A 148 -4.00 -12.01 -13.35
CA THR A 148 -3.24 -11.10 -14.20
C THR A 148 -1.73 -11.37 -14.05
N GLY A 149 -1.35 -12.48 -13.43
CA GLY A 149 0.06 -12.81 -13.28
C GLY A 149 0.74 -11.99 -12.18
N ALA A 150 -0.06 -11.43 -11.26
CA ALA A 150 0.48 -10.62 -10.19
C ALA A 150 1.32 -11.37 -9.17
N THR A 151 2.48 -10.82 -8.85
CA THR A 151 3.32 -11.43 -7.83
C THR A 151 3.74 -10.36 -6.83
N THR A 152 3.41 -9.11 -7.10
CA THR A 152 3.77 -8.00 -6.22
C THR A 152 2.55 -7.22 -5.72
N MET A 153 2.73 -6.51 -4.62
CA MET A 153 1.66 -5.72 -4.06
C MET A 153 1.15 -4.72 -5.09
N ARG A 154 2.06 -4.06 -5.81
CA ARG A 154 1.59 -3.05 -6.76
C ARG A 154 0.71 -3.58 -7.87
N GLU A 155 0.96 -4.81 -8.33
CA GLU A 155 0.15 -5.34 -9.40
C GLU A 155 -1.28 -5.56 -8.99
N VAL A 156 -1.50 -5.85 -7.71
CA VAL A 156 -2.87 -6.03 -7.27
C VAL A 156 -3.49 -4.67 -6.91
N LEU A 157 -2.70 -3.83 -6.25
CA LEU A 157 -3.19 -2.51 -5.88
C LEU A 157 -3.67 -1.73 -7.11
N ASN A 158 -3.00 -1.94 -8.26
CA ASN A 158 -3.37 -1.25 -9.50
C ASN A 158 -4.72 -1.67 -10.05
N ARG A 159 -5.26 -2.80 -9.62
CA ARG A 159 -6.58 -3.20 -10.10
C ARG A 159 -7.71 -2.58 -9.27
N ILE A 160 -7.33 -1.69 -8.36
CA ILE A 160 -8.29 -1.03 -7.48
C ILE A 160 -8.48 0.41 -7.89
N PRO A 161 -9.74 0.82 -8.06
CA PRO A 161 -10.04 2.19 -8.46
C PRO A 161 -9.53 3.23 -7.49
N GLY A 162 -8.98 4.29 -8.04
CA GLY A 162 -8.48 5.38 -7.20
C GLY A 162 -7.09 5.12 -6.66
N VAL A 163 -6.49 3.99 -7.06
CA VAL A 163 -5.16 3.64 -6.59
C VAL A 163 -4.19 3.58 -7.76
N SER A 164 -3.05 4.27 -7.63
CA SER A 164 -2.05 4.24 -8.67
C SER A 164 -0.75 3.76 -8.01
N ALA A 165 -0.21 2.64 -8.51
CA ALA A 165 1.01 2.02 -7.97
C ALA A 165 2.00 1.87 -9.11
N PRO A 166 2.82 2.91 -9.34
CA PRO A 166 3.82 2.95 -10.41
C PRO A 166 4.87 1.85 -10.35
N GLU A 167 5.42 1.55 -11.51
CA GLU A 167 6.47 0.57 -11.61
C GLU A 167 7.67 1.13 -10.86
N ASN A 168 8.56 0.25 -10.41
CA ASN A 168 9.76 0.65 -9.65
C ASN A 168 10.48 1.82 -10.29
N ASN A 169 10.81 2.83 -9.50
CA ASN A 169 11.53 3.97 -10.04
C ASN A 169 12.05 4.77 -8.85
N GLY A 170 13.05 5.61 -9.12
CA GLY A 170 13.63 6.45 -8.10
C GLY A 170 14.22 5.73 -6.91
N THR A 171 14.03 6.32 -5.75
CA THR A 171 14.52 5.73 -4.52
C THR A 171 13.96 4.31 -4.46
N GLY A 172 12.70 4.17 -4.83
CA GLY A 172 12.07 2.85 -4.83
C GLY A 172 12.19 2.10 -6.14
N SER A 173 13.38 2.17 -6.75
CA SER A 173 13.66 1.50 -8.01
C SER A 173 14.02 0.03 -7.79
N HIS A 174 13.17 -0.67 -7.02
CA HIS A 174 13.41 -2.06 -6.71
C HIS A 174 12.20 -2.63 -6.00
N ASP A 175 12.16 -3.95 -5.93
CA ASP A 175 11.07 -4.66 -5.31
C ASP A 175 10.94 -4.59 -3.78
N LEU A 176 11.99 -4.15 -3.07
CA LEU A 176 11.90 -4.09 -1.60
C LEU A 176 11.06 -2.91 -1.17
N ALA A 177 10.96 -1.90 -2.03
CA ALA A 177 10.19 -0.69 -1.75
C ALA A 177 8.74 -0.89 -2.19
N MET A 178 7.88 0.04 -1.78
CA MET A 178 6.50 0.02 -2.20
C MET A 178 6.13 1.44 -2.62
N ASN A 179 5.55 1.55 -3.80
CA ASN A 179 5.15 2.84 -4.32
C ASN A 179 3.68 2.81 -4.70
N PHE A 180 2.89 3.69 -4.11
CA PHE A 180 1.48 3.80 -4.49
C PHE A 180 0.93 5.06 -3.86
N GLY A 181 -0.05 5.64 -4.54
CA GLY A 181 -0.71 6.83 -4.04
C GLY A 181 -2.21 6.64 -4.28
N ILE A 182 -3.01 7.19 -3.37
CA ILE A 182 -4.46 7.08 -3.49
C ILE A 182 -5.00 8.42 -3.96
N ARG A 183 -5.90 8.40 -4.92
CA ARG A 183 -6.51 9.66 -5.39
C ARG A 183 -5.56 10.77 -5.72
N GLY A 184 -4.45 10.45 -6.34
CA GLY A 184 -3.54 11.52 -6.72
C GLY A 184 -2.53 12.00 -5.69
N LEU A 185 -2.53 11.40 -4.50
CA LEU A 185 -1.55 11.78 -3.47
C LEU A 185 -0.23 11.20 -3.96
N ASN A 186 0.86 11.84 -3.57
CA ASN A 186 2.20 11.45 -3.98
C ASN A 186 2.37 9.95 -3.86
N PRO A 187 2.68 9.26 -4.98
CA PRO A 187 2.84 7.81 -4.86
C PRO A 187 4.23 7.37 -4.42
N ARG A 188 5.23 8.26 -4.51
CA ARG A 188 6.58 7.86 -4.19
C ARG A 188 6.71 7.33 -2.76
N LEU A 189 7.06 6.05 -2.68
CA LEU A 189 7.25 5.36 -1.42
C LEU A 189 6.01 5.23 -0.53
N ALA A 190 4.84 5.33 -1.14
CA ALA A 190 3.57 5.10 -0.45
C ALA A 190 3.44 5.74 0.94
N SER A 191 3.65 7.04 1.01
CA SER A 191 3.62 7.71 2.31
C SER A 191 2.36 8.46 2.71
N ARG A 192 1.35 8.50 1.86
CA ARG A 192 0.14 9.28 2.19
C ARG A 192 -1.09 8.49 2.61
N SER A 193 -0.90 7.21 2.87
CA SER A 193 -1.98 6.33 3.32
C SER A 193 -1.42 5.65 4.54
N THR A 194 -2.30 5.12 5.39
CA THR A 194 -1.88 4.43 6.60
C THR A 194 -1.72 2.99 6.15
N VAL A 195 -0.47 2.53 6.11
CA VAL A 195 -0.19 1.19 5.65
C VAL A 195 -0.02 0.21 6.80
N LEU A 196 -0.79 -0.88 6.73
CA LEU A 196 -0.81 -1.88 7.78
C LEU A 196 -0.79 -3.31 7.27
N MET A 197 -0.40 -4.23 8.16
CA MET A 197 -0.39 -5.68 7.89
C MET A 197 -1.09 -6.21 9.16
N ASP A 198 -2.23 -6.85 8.96
CA ASP A 198 -3.06 -7.34 10.06
C ASP A 198 -3.24 -6.19 11.09
N GLY A 199 -3.46 -4.99 10.59
CA GLY A 199 -3.62 -3.85 11.50
C GLY A 199 -2.32 -3.31 12.11
N ILE A 200 -1.21 -4.02 11.92
CA ILE A 200 0.08 -3.56 12.48
C ILE A 200 0.80 -2.58 11.52
N PRO A 201 1.43 -1.51 12.06
CA PRO A 201 2.12 -0.56 11.19
C PRO A 201 3.24 -1.21 10.35
N VAL A 202 3.18 -1.01 9.04
CA VAL A 202 4.19 -1.51 8.15
C VAL A 202 5.43 -0.59 8.07
N PRO A 203 5.22 0.74 8.11
CA PRO A 203 6.38 1.64 8.04
C PRO A 203 7.35 1.39 9.21
N PHE A 204 8.65 1.56 8.98
CA PHE A 204 9.59 1.40 10.07
C PHE A 204 9.57 2.68 10.95
N ALA A 205 8.90 3.72 10.49
CA ALA A 205 8.75 4.96 11.26
C ALA A 205 7.45 5.59 10.78
N PRO A 206 6.31 4.99 11.19
CA PRO A 206 4.94 5.41 10.83
C PRO A 206 4.70 6.91 10.94
N TYR A 207 5.25 7.51 12.01
CA TYR A 207 5.05 8.93 12.23
C TYR A 207 6.10 9.81 11.56
N GLY A 208 7.35 9.67 11.97
CA GLY A 208 8.39 10.53 11.43
C GLY A 208 8.95 10.32 10.03
N GLN A 209 8.92 9.08 9.53
CA GLN A 209 9.46 8.73 8.22
C GLN A 209 8.63 7.57 7.64
N PRO A 210 7.40 7.86 7.18
CA PRO A 210 6.52 6.83 6.63
C PRO A 210 6.84 6.35 5.21
N GLN A 211 7.89 6.90 4.61
CA GLN A 211 8.28 6.47 3.26
C GLN A 211 8.72 5.02 3.26
N LEU A 212 8.06 4.20 2.46
CA LEU A 212 8.41 2.78 2.41
C LEU A 212 9.55 2.45 1.46
N SER A 213 10.74 2.98 1.76
CA SER A 213 11.92 2.69 0.96
C SER A 213 12.18 1.19 1.15
N LEU A 214 11.67 0.63 2.25
CA LEU A 214 11.70 -0.80 2.56
C LEU A 214 10.24 -1.06 2.97
N ALA A 215 9.59 -2.00 2.29
CA ALA A 215 8.19 -2.34 2.55
C ALA A 215 8.24 -3.84 2.81
N PRO A 216 8.44 -4.21 4.08
CA PRO A 216 8.53 -5.63 4.39
C PRO A 216 7.24 -6.44 4.44
N VAL A 217 6.59 -6.57 3.29
CA VAL A 217 5.37 -7.35 3.12
C VAL A 217 5.47 -8.06 1.78
N SER A 218 4.76 -9.19 1.63
CA SER A 218 4.82 -9.91 0.35
C SER A 218 3.46 -10.43 0.00
N LEU A 219 3.06 -10.16 -1.22
CA LEU A 219 1.79 -10.63 -1.74
C LEU A 219 1.61 -12.11 -1.46
N GLY A 220 2.68 -12.88 -1.69
CA GLY A 220 2.63 -14.31 -1.44
C GLY A 220 2.13 -14.70 -0.05
N ASN A 221 2.29 -13.83 0.95
CA ASN A 221 1.87 -14.17 2.31
C ASN A 221 0.49 -13.63 2.69
N MET A 222 -0.24 -13.14 1.70
CA MET A 222 -1.54 -12.51 1.94
C MET A 222 -2.77 -13.23 1.44
N ASP A 223 -3.87 -13.07 2.20
CA ASP A 223 -5.16 -13.62 1.81
C ASP A 223 -5.97 -12.49 1.14
N ALA A 224 -5.59 -11.25 1.40
CA ALA A 224 -6.30 -10.13 0.80
C ALA A 224 -5.58 -8.81 0.98
N ILE A 225 -6.00 -7.83 0.18
CA ILE A 225 -5.50 -6.47 0.24
C ILE A 225 -6.79 -5.67 0.39
N ASP A 226 -6.88 -4.86 1.44
CA ASP A 226 -8.07 -4.09 1.84
C ASP A 226 -7.73 -2.59 1.80
N VAL A 227 -8.22 -1.91 0.78
CA VAL A 227 -7.96 -0.51 0.57
C VAL A 227 -9.19 0.26 1.01
N VAL A 228 -9.04 0.94 2.14
CA VAL A 228 -10.12 1.71 2.74
C VAL A 228 -9.82 3.18 2.51
N ARG A 229 -10.24 3.67 1.34
CA ARG A 229 -10.00 5.05 0.98
C ARG A 229 -10.80 6.04 1.83
N GLY A 230 -11.94 5.59 2.35
CA GLY A 230 -12.74 6.45 3.20
C GLY A 230 -13.36 5.74 4.38
N GLY A 231 -13.59 6.49 5.46
CA GLY A 231 -14.20 5.95 6.66
C GLY A 231 -13.28 5.33 7.71
N GLY A 232 -11.97 5.37 7.48
CA GLY A 232 -11.06 4.79 8.45
C GLY A 232 -10.21 5.81 9.19
N ALA A 233 -10.43 7.09 8.95
CA ALA A 233 -9.64 8.14 9.60
C ALA A 233 -9.80 8.30 11.12
N VAL A 234 -10.81 7.66 11.69
CA VAL A 234 -11.04 7.73 13.14
C VAL A 234 -10.24 6.63 13.82
N ARG A 235 -10.32 5.42 13.27
CA ARG A 235 -9.64 4.27 13.86
C ARG A 235 -8.19 4.04 13.49
N TYR A 236 -7.75 4.67 12.40
CA TYR A 236 -6.37 4.46 11.96
C TYR A 236 -5.66 5.74 11.61
N GLY A 237 -4.37 5.74 11.92
CA GLY A 237 -3.51 6.87 11.64
C GLY A 237 -2.09 6.44 11.96
N PRO A 238 -1.10 7.26 11.63
CA PRO A 238 -1.22 8.58 10.96
C PRO A 238 -1.12 8.43 9.43
N GLN A 239 -0.98 9.54 8.71
CA GLN A 239 -0.90 9.58 7.24
C GLN A 239 -2.21 9.03 6.68
N SER A 240 -3.33 9.38 7.32
CA SER A 240 -4.61 8.87 6.92
C SER A 240 -5.32 9.61 5.78
N VAL A 241 -4.68 10.62 5.21
CA VAL A 241 -5.32 11.39 4.13
C VAL A 241 -5.66 10.46 2.99
N GLY A 242 -4.75 9.54 2.68
CA GLY A 242 -4.97 8.58 1.62
C GLY A 242 -5.66 7.31 2.08
N GLY A 243 -6.42 7.42 3.17
CA GLY A 243 -7.11 6.25 3.67
C GLY A 243 -6.16 5.26 4.29
N VAL A 244 -6.62 4.01 4.41
CA VAL A 244 -5.81 2.97 4.97
C VAL A 244 -5.71 1.78 4.03
N VAL A 245 -4.53 1.20 3.98
CA VAL A 245 -4.30 0.03 3.16
C VAL A 245 -3.77 -1.03 4.12
N ASN A 246 -4.51 -2.13 4.22
CA ASN A 246 -4.16 -3.22 5.11
C ASN A 246 -3.93 -4.51 4.35
N PHE A 247 -2.80 -5.14 4.64
CA PHE A 247 -2.45 -6.41 4.02
C PHE A 247 -2.81 -7.51 5.02
N VAL A 248 -3.75 -8.35 4.62
CA VAL A 248 -4.23 -9.43 5.46
C VAL A 248 -3.45 -10.70 5.19
N THR A 249 -2.77 -11.19 6.22
CA THR A 249 -1.99 -12.38 6.08
C THR A 249 -2.89 -13.62 5.92
N ARG A 250 -2.34 -14.64 5.27
CA ARG A 250 -3.06 -15.90 5.05
C ARG A 250 -3.63 -16.50 6.32
N ALA A 251 -4.82 -17.06 6.23
CA ALA A 251 -5.43 -17.62 7.42
C ALA A 251 -4.74 -18.91 7.88
N ILE A 252 -4.80 -19.21 9.17
CA ILE A 252 -4.22 -20.47 9.64
C ILE A 252 -5.25 -21.52 9.24
N PRO A 253 -4.84 -22.58 8.54
CA PRO A 253 -5.84 -23.57 8.16
C PRO A 253 -6.53 -24.15 9.41
N GLN A 254 -7.82 -24.42 9.30
CA GLN A 254 -8.58 -24.97 10.42
C GLN A 254 -8.00 -26.30 10.85
N ASP A 255 -7.69 -27.13 9.87
CA ASP A 255 -7.09 -28.44 10.10
C ASP A 255 -5.93 -28.42 9.10
N PHE A 256 -4.85 -29.09 9.44
CA PHE A 256 -3.67 -29.11 8.60
C PHE A 256 -3.81 -28.76 7.12
N GLY A 257 -2.93 -27.90 6.65
CA GLY A 257 -2.95 -27.51 5.25
C GLY A 257 -1.57 -27.13 4.73
N ILE A 258 -1.29 -27.51 3.50
CA ILE A 258 -0.03 -27.17 2.85
C ILE A 258 -0.32 -26.67 1.43
N GLU A 259 0.16 -25.45 1.14
CA GLU A 259 -0.04 -24.88 -0.16
C GLU A 259 1.28 -24.27 -0.62
N ALA A 260 1.56 -24.38 -1.91
CA ALA A 260 2.80 -23.84 -2.44
C ALA A 260 2.57 -23.40 -3.88
N GLY A 261 3.26 -22.34 -4.27
CA GLY A 261 3.11 -21.86 -5.61
C GLY A 261 4.37 -21.17 -6.11
N VAL A 262 4.42 -20.97 -7.41
CA VAL A 262 5.55 -20.31 -8.03
C VAL A 262 5.10 -19.71 -9.35
N GLU A 263 5.70 -18.58 -9.69
CA GLU A 263 5.45 -17.95 -10.95
C GLU A 263 6.83 -17.59 -11.49
N GLY A 264 7.04 -17.84 -12.77
CA GLY A 264 8.30 -17.48 -13.40
C GLY A 264 8.00 -16.50 -14.51
N GLN A 265 8.81 -15.45 -14.66
CA GLN A 265 8.57 -14.46 -15.70
C GLN A 265 9.82 -14.18 -16.55
N LEU A 266 9.62 -13.80 -17.81
CA LEU A 266 10.78 -13.46 -18.66
C LEU A 266 10.32 -12.45 -19.69
N SER A 267 11.16 -11.48 -20.01
CA SER A 267 10.81 -10.46 -20.99
C SER A 267 11.71 -10.73 -22.20
N PRO A 268 11.17 -11.42 -23.22
CA PRO A 268 11.89 -11.80 -24.44
C PRO A 268 12.57 -10.70 -25.22
N THR A 269 11.92 -9.55 -25.37
CA THR A 269 12.54 -8.45 -26.14
C THR A 269 13.59 -7.70 -25.34
N SER A 270 13.74 -8.02 -24.05
CA SER A 270 14.76 -7.34 -23.26
C SER A 270 16.13 -8.01 -23.37
N SER A 271 17.20 -7.23 -23.12
CA SER A 271 18.54 -7.81 -23.14
C SER A 271 18.69 -8.60 -21.83
N GLN A 272 17.84 -8.31 -20.85
CA GLN A 272 17.89 -9.00 -19.57
C GLN A 272 17.40 -10.44 -19.73
N ASN A 273 18.32 -11.38 -19.55
CA ASN A 273 18.01 -12.79 -19.72
C ASN A 273 17.77 -13.55 -18.43
N ASN A 274 18.02 -12.90 -17.29
CA ASN A 274 17.73 -13.58 -16.04
C ASN A 274 16.23 -13.51 -15.86
N PRO A 275 15.62 -14.60 -15.40
CA PRO A 275 14.17 -14.51 -15.22
C PRO A 275 13.91 -14.01 -13.80
N LYS A 276 12.65 -13.79 -13.48
CA LYS A 276 12.26 -13.37 -12.17
C LYS A 276 11.34 -14.49 -11.67
N GLU A 277 11.66 -15.04 -10.50
CA GLU A 277 10.87 -16.12 -9.95
C GLU A 277 10.32 -15.70 -8.58
N THR A 278 9.04 -15.96 -8.34
CA THR A 278 8.45 -15.65 -7.06
C THR A 278 7.75 -16.90 -6.58
N HIS A 279 8.03 -17.31 -5.35
CA HIS A 279 7.38 -18.51 -4.81
C HIS A 279 6.77 -18.23 -3.45
N ASN A 280 5.82 -19.08 -3.05
CA ASN A 280 5.21 -18.94 -1.75
C ASN A 280 4.91 -20.29 -1.15
N LEU A 281 4.96 -20.33 0.17
CA LEU A 281 4.70 -21.56 0.86
C LEU A 281 3.83 -21.26 2.06
N MET A 282 2.85 -22.12 2.29
CA MET A 282 1.96 -22.00 3.45
C MET A 282 1.81 -23.40 4.06
N VAL A 283 2.19 -23.55 5.32
CA VAL A 283 2.03 -24.84 6.00
C VAL A 283 1.58 -24.57 7.41
N GLY A 284 0.40 -25.09 7.74
CA GLY A 284 -0.11 -24.88 9.08
C GLY A 284 -1.36 -25.67 9.36
N GLY A 285 -1.87 -25.47 10.57
CA GLY A 285 -3.07 -26.16 11.00
C GLY A 285 -3.31 -25.79 12.43
N THR A 286 -4.37 -26.35 12.99
CA THR A 286 -4.68 -26.05 14.38
C THR A 286 -4.98 -27.35 15.10
N ALA A 287 -4.27 -27.58 16.21
CA ALA A 287 -4.48 -28.80 16.99
C ALA A 287 -5.85 -28.76 17.69
N ASP A 288 -6.33 -29.94 18.09
CA ASP A 288 -7.63 -30.05 18.77
C ASP A 288 -7.66 -29.20 20.04
N ASN A 289 -6.50 -28.92 20.63
CA ASN A 289 -6.46 -28.12 21.85
C ASN A 289 -6.69 -26.62 21.61
N GLY A 290 -6.98 -26.24 20.36
CA GLY A 290 -7.24 -24.85 20.05
C GLY A 290 -6.01 -24.02 19.65
N PHE A 291 -4.84 -24.65 19.68
CA PHE A 291 -3.63 -23.96 19.29
C PHE A 291 -3.36 -24.20 17.81
N GLY A 292 -3.24 -23.10 17.07
CA GLY A 292 -2.97 -23.17 15.65
C GLY A 292 -1.81 -22.27 15.26
N THR A 293 -1.11 -22.65 14.20
CA THR A 293 0.00 -21.87 13.69
C THR A 293 0.23 -22.23 12.24
N ALA A 294 0.74 -21.26 11.49
CA ALA A 294 1.05 -21.46 10.09
C ALA A 294 2.38 -20.76 9.81
N LEU A 295 3.18 -21.38 8.95
CA LEU A 295 4.44 -20.82 8.51
C LEU A 295 4.06 -20.24 7.15
N LEU A 296 4.37 -18.98 6.95
CA LEU A 296 4.10 -18.30 5.69
C LEU A 296 5.41 -17.80 5.16
N TYR A 297 5.83 -18.36 4.04
CA TYR A 297 7.08 -17.95 3.40
C TYR A 297 6.83 -17.52 1.94
N SER A 298 7.43 -16.41 1.56
CA SER A 298 7.35 -15.90 0.18
C SER A 298 8.74 -15.47 -0.17
N GLY A 299 9.15 -15.76 -1.39
CA GLY A 299 10.48 -15.35 -1.80
C GLY A 299 10.49 -14.89 -3.24
N THR A 300 11.45 -14.04 -3.57
CA THR A 300 11.62 -13.54 -4.93
C THR A 300 13.10 -13.71 -5.26
N ARG A 301 13.39 -14.14 -6.49
CA ARG A 301 14.79 -14.26 -6.92
C ARG A 301 14.76 -13.83 -8.39
N GLY A 302 15.73 -13.05 -8.80
CA GLY A 302 15.73 -12.68 -10.20
C GLY A 302 15.77 -11.24 -10.61
N SER A 303 15.65 -11.03 -11.91
CA SER A 303 15.70 -9.69 -12.46
C SER A 303 14.45 -9.42 -13.26
N ASP A 304 14.15 -8.14 -13.49
CA ASP A 304 12.98 -7.79 -14.28
C ASP A 304 13.43 -7.52 -15.70
N TRP A 305 12.78 -6.60 -16.41
CA TRP A 305 13.15 -6.36 -17.81
C TRP A 305 14.32 -5.41 -17.95
N ARG A 306 14.78 -4.87 -16.83
CA ARG A 306 15.92 -3.95 -16.84
C ARG A 306 17.19 -4.62 -16.38
N GLU A 307 18.32 -4.18 -16.91
CA GLU A 307 19.60 -4.70 -16.47
C GLU A 307 19.77 -4.09 -15.07
N HIS A 308 20.65 -4.70 -14.26
CA HIS A 308 20.96 -4.24 -12.91
C HIS A 308 19.72 -4.19 -12.01
N SER A 309 18.98 -5.29 -11.99
CA SER A 309 17.78 -5.38 -11.17
C SER A 309 17.78 -6.69 -10.35
N ALA A 310 18.91 -7.40 -10.35
CA ALA A 310 19.08 -8.66 -9.60
C ALA A 310 18.56 -8.50 -8.18
N THR A 311 17.62 -9.35 -7.82
CA THR A 311 16.95 -9.26 -6.55
C THR A 311 16.80 -10.56 -5.74
N ARG A 312 16.80 -10.41 -4.43
CA ARG A 312 16.55 -11.53 -3.55
C ARG A 312 15.67 -11.03 -2.42
N ILE A 313 14.54 -11.69 -2.19
CA ILE A 313 13.69 -11.33 -1.06
C ILE A 313 13.24 -12.63 -0.39
N ASP A 314 13.39 -12.68 0.93
CA ASP A 314 12.92 -13.81 1.72
C ASP A 314 12.02 -13.21 2.77
N ASP A 315 10.77 -13.65 2.82
CA ASP A 315 9.85 -13.11 3.80
C ASP A 315 9.24 -14.28 4.54
N LEU A 316 9.79 -14.61 5.72
CA LEU A 316 9.32 -15.74 6.53
C LEU A 316 8.51 -15.25 7.73
N MET A 317 7.31 -15.82 7.89
CA MET A 317 6.43 -15.43 8.99
C MET A 317 5.89 -16.66 9.69
N LEU A 318 5.63 -16.49 10.98
CA LEU A 318 5.07 -17.56 11.77
C LEU A 318 3.87 -16.93 12.44
N LYS A 319 2.70 -17.37 12.03
CA LYS A 319 1.43 -16.83 12.55
C LYS A 319 0.80 -17.88 13.48
N SER A 320 0.44 -17.44 14.68
CA SER A 320 -0.14 -18.34 15.65
C SER A 320 -1.44 -17.82 16.27
N LYS A 321 -2.26 -18.76 16.72
CA LYS A 321 -3.53 -18.42 17.34
C LYS A 321 -3.85 -19.46 18.43
N TYR A 322 -4.31 -18.96 19.59
CA TYR A 322 -4.66 -19.84 20.70
C TYR A 322 -6.02 -19.45 21.27
N ALA A 323 -6.99 -20.33 21.06
CA ALA A 323 -8.35 -20.13 21.54
C ALA A 323 -8.75 -21.33 22.42
N PRO A 324 -8.22 -21.41 23.66
CA PRO A 324 -8.53 -22.51 24.58
C PRO A 324 -10.03 -22.70 24.82
N ASP A 325 -10.79 -21.65 24.58
CA ASP A 325 -12.22 -21.70 24.75
C ASP A 325 -12.84 -20.62 23.87
N GLU A 326 -14.13 -20.39 24.02
CA GLU A 326 -14.78 -19.38 23.20
C GLU A 326 -14.73 -17.99 23.78
N VAL A 327 -14.03 -17.83 24.90
CA VAL A 327 -13.98 -16.52 25.52
C VAL A 327 -12.65 -15.80 25.33
N HIS A 328 -11.56 -16.55 25.47
CA HIS A 328 -10.22 -16.01 25.36
C HIS A 328 -9.56 -16.44 24.07
N THR A 329 -8.90 -15.49 23.42
CA THR A 329 -8.22 -15.78 22.16
C THR A 329 -6.91 -15.02 22.12
N PHE A 330 -5.82 -15.74 21.87
CA PHE A 330 -4.50 -15.14 21.78
C PHE A 330 -4.05 -15.27 20.33
N ASN A 331 -3.31 -14.27 19.86
CA ASN A 331 -2.79 -14.31 18.50
C ASN A 331 -1.36 -13.79 18.52
N SER A 332 -0.56 -14.23 17.55
CA SER A 332 0.80 -13.75 17.45
C SER A 332 1.26 -13.77 15.98
N LEU A 333 2.23 -12.93 15.67
CA LEU A 333 2.77 -12.89 14.32
C LEU A 333 4.25 -12.57 14.51
N LEU A 334 5.10 -13.44 13.96
CA LEU A 334 6.54 -13.23 14.03
C LEU A 334 6.95 -13.13 12.57
N GLN A 335 7.92 -12.29 12.26
CA GLN A 335 8.33 -12.19 10.86
C GLN A 335 9.76 -11.83 10.75
N TYR A 336 10.41 -12.50 9.82
CA TYR A 336 11.78 -12.18 9.52
C TYR A 336 11.75 -11.94 8.00
N TYR A 337 11.95 -10.68 7.61
CA TYR A 337 11.99 -10.25 6.23
C TYR A 337 13.42 -9.80 5.92
N ASP A 338 13.98 -10.30 4.83
CA ASP A 338 15.34 -9.95 4.46
C ASP A 338 15.50 -9.90 2.94
N GLY A 339 15.96 -8.77 2.42
CA GLY A 339 16.17 -8.67 0.98
C GLY A 339 17.27 -7.73 0.54
N GLU A 340 17.61 -7.84 -0.74
CA GLU A 340 18.61 -7.00 -1.38
C GLU A 340 18.28 -6.87 -2.85
N ALA A 341 18.63 -5.74 -3.45
CA ALA A 341 18.34 -5.55 -4.84
C ALA A 341 19.16 -4.49 -5.52
N ASP A 342 19.64 -4.80 -6.71
CA ASP A 342 20.32 -3.80 -7.48
C ASP A 342 19.16 -2.92 -7.97
N MET A 343 19.44 -1.65 -8.24
CA MET A 343 18.45 -0.68 -8.68
C MET A 343 18.79 -0.18 -10.08
N PRO A 344 17.93 -0.47 -11.07
CA PRO A 344 18.14 -0.06 -12.48
C PRO A 344 18.32 1.46 -12.62
N GLY A 345 17.41 2.23 -12.05
CA GLY A 345 17.51 3.68 -12.16
C GLY A 345 17.06 4.20 -13.52
N GLY A 346 17.09 5.52 -13.68
CA GLY A 346 16.63 6.12 -14.93
C GLY A 346 17.68 6.31 -16.01
N LEU A 347 17.20 6.46 -17.24
CA LEU A 347 18.10 6.69 -18.37
C LEU A 347 17.84 8.07 -18.95
N SER A 348 18.89 8.67 -19.53
CA SER A 348 18.72 9.96 -20.19
C SER A 348 17.96 9.58 -21.48
N ARG A 349 17.44 10.57 -22.20
CA ARG A 349 16.73 10.22 -23.44
C ARG A 349 17.72 9.59 -24.45
N ALA A 350 18.94 10.11 -24.53
CA ALA A 350 19.90 9.53 -25.48
C ALA A 350 20.14 8.03 -25.18
N ASP A 351 20.42 7.70 -23.91
CA ASP A 351 20.70 6.32 -23.51
C ASP A 351 19.47 5.42 -23.69
N TYR A 352 18.31 5.97 -23.35
CA TYR A 352 17.08 5.21 -23.49
C TYR A 352 16.84 4.87 -24.97
N ASP A 353 17.06 5.82 -25.88
CA ASP A 353 16.87 5.55 -27.31
C ASP A 353 17.89 4.51 -27.81
N ALA A 354 19.10 4.54 -27.28
CA ALA A 354 20.08 3.56 -27.74
C ALA A 354 19.75 2.13 -27.21
N ASP A 355 19.33 2.02 -25.95
CA ASP A 355 19.01 0.72 -25.33
C ASP A 355 18.21 1.04 -24.06
N ARG A 356 16.93 0.80 -24.09
CA ARG A 356 16.12 1.14 -22.92
C ARG A 356 16.13 0.14 -21.75
N TRP A 357 16.76 -1.02 -21.97
CA TRP A 357 16.86 -2.07 -20.95
C TRP A 357 18.03 -1.85 -20.04
N GLN A 358 19.08 -1.21 -20.56
CA GLN A 358 20.32 -1.00 -19.83
C GLN A 358 20.15 -0.16 -18.57
N SER A 359 21.18 -0.17 -17.75
CA SER A 359 21.22 0.63 -16.54
C SER A 359 22.48 1.47 -16.61
N THR A 360 22.41 2.74 -16.25
CA THR A 360 23.59 3.58 -16.23
C THR A 360 23.84 3.95 -14.76
N ARG A 361 23.35 3.12 -13.83
CA ARG A 361 23.50 3.37 -12.39
C ARG A 361 24.07 2.10 -11.77
N PRO A 362 25.31 1.72 -12.17
CA PRO A 362 25.97 0.50 -11.69
C PRO A 362 26.27 0.34 -10.20
N TYR A 363 26.26 1.42 -9.44
CA TYR A 363 26.56 1.31 -8.02
C TYR A 363 25.30 1.21 -7.17
N ASP A 364 24.15 1.61 -7.72
CA ASP A 364 22.92 1.64 -6.94
C ASP A 364 22.36 0.30 -6.48
N ARG A 365 22.28 0.12 -5.17
CA ARG A 365 21.80 -1.15 -4.62
C ARG A 365 21.09 -0.86 -3.32
N PHE A 366 20.11 -1.68 -2.99
CA PHE A 366 19.39 -1.45 -1.76
C PHE A 366 19.22 -2.76 -1.00
N TRP A 367 19.16 -2.67 0.32
CA TRP A 367 18.92 -3.87 1.10
C TRP A 367 18.31 -3.53 2.44
N GLY A 368 17.74 -4.53 3.07
CA GLY A 368 17.13 -4.29 4.36
C GLY A 368 16.55 -5.54 4.96
N ARG A 369 16.27 -5.45 6.25
CA ARG A 369 15.71 -6.55 6.98
C ARG A 369 14.82 -6.01 8.07
N ARG A 370 13.83 -6.81 8.40
CA ARG A 370 12.88 -6.43 9.42
C ARG A 370 12.60 -7.63 10.31
N LYS A 371 12.54 -7.39 11.61
CA LYS A 371 12.16 -8.43 12.56
C LYS A 371 10.92 -7.84 13.21
N LEU A 372 9.85 -8.61 13.24
CA LEU A 372 8.62 -8.13 13.84
C LEU A 372 8.02 -9.17 14.78
N ALA A 373 7.49 -8.68 15.90
CA ALA A 373 6.85 -9.54 16.87
C ALA A 373 5.58 -8.82 17.23
N SER A 374 4.49 -9.56 17.22
CA SER A 374 3.20 -8.99 17.57
C SER A 374 2.48 -10.02 18.44
N LEU A 375 1.81 -9.54 19.49
CA LEU A 375 1.07 -10.40 20.39
C LEU A 375 -0.21 -9.69 20.75
N GLY A 376 -1.31 -10.40 20.63
CA GLY A 376 -2.59 -9.82 20.94
C GLY A 376 -3.46 -10.74 21.75
N TYR A 377 -4.46 -10.15 22.39
CA TYR A 377 -5.39 -10.90 23.21
C TYR A 377 -6.78 -10.34 23.06
N GLN A 378 -7.74 -11.25 22.98
CA GLN A 378 -9.14 -10.84 22.88
C GLN A 378 -9.99 -11.53 23.95
N PHE A 379 -10.79 -10.72 24.63
CA PHE A 379 -11.70 -11.19 25.65
C PHE A 379 -13.12 -10.86 25.20
N GLN A 380 -13.89 -11.90 24.91
CA GLN A 380 -15.27 -11.73 24.50
C GLN A 380 -16.16 -12.61 25.38
N PRO A 381 -16.77 -12.03 26.43
CA PRO A 381 -17.64 -12.75 27.36
C PRO A 381 -18.91 -13.22 26.66
N ASP A 382 -19.50 -12.35 25.86
CA ASP A 382 -20.71 -12.63 25.10
C ASP A 382 -20.67 -11.95 23.75
N SER A 383 -21.75 -12.04 23.00
CA SER A 383 -21.82 -11.46 21.67
C SER A 383 -22.02 -9.96 21.62
N GLN A 384 -22.09 -9.30 22.79
CA GLN A 384 -22.27 -7.85 22.87
C GLN A 384 -21.07 -7.09 23.42
N HIS A 385 -20.03 -7.80 23.85
CA HIS A 385 -18.86 -7.13 24.40
C HIS A 385 -17.59 -7.76 23.86
N LYS A 386 -16.65 -6.93 23.45
CA LYS A 386 -15.41 -7.47 22.96
C LYS A 386 -14.27 -6.55 23.31
N PHE A 387 -13.33 -7.08 24.07
CA PHE A 387 -12.14 -6.33 24.45
C PHE A 387 -10.96 -6.87 23.64
N ASN A 388 -10.15 -5.96 23.13
CA ASN A 388 -8.99 -6.34 22.34
C ASN A 388 -7.78 -5.52 22.70
N ILE A 389 -6.65 -6.20 22.94
CA ILE A 389 -5.41 -5.49 23.17
C ILE A 389 -4.36 -6.15 22.27
N GLN A 390 -3.62 -5.31 21.56
CA GLN A 390 -2.58 -5.76 20.64
C GLN A 390 -1.27 -5.04 20.95
N GLY A 391 -0.17 -5.78 21.00
CA GLY A 391 1.13 -5.19 21.25
C GLY A 391 2.06 -5.55 20.11
N PHE A 392 3.02 -4.68 19.79
CA PHE A 392 3.93 -5.03 18.71
C PHE A 392 5.26 -4.35 18.83
N TYR A 393 6.25 -4.94 18.17
CA TYR A 393 7.60 -4.43 18.12
C TYR A 393 8.23 -4.79 16.77
N THR A 394 8.84 -3.80 16.11
CA THR A 394 9.53 -4.04 14.85
C THR A 394 10.89 -3.39 14.94
N GLN A 395 11.85 -4.04 14.30
CA GLN A 395 13.22 -3.55 14.23
C GLN A 395 13.50 -3.64 12.74
N THR A 396 14.04 -2.56 12.19
CA THR A 396 14.30 -2.52 10.77
C THR A 396 15.64 -1.88 10.45
N LEU A 397 16.32 -2.50 9.50
CA LEU A 397 17.57 -1.96 9.01
C LEU A 397 17.29 -1.81 7.51
N ARG A 398 17.52 -0.63 6.99
CA ARG A 398 17.37 -0.40 5.55
C ARG A 398 18.59 0.44 5.18
N SER A 399 19.28 0.00 4.14
CA SER A 399 20.52 0.63 3.71
C SER A 399 20.77 0.43 2.21
N GLY A 400 21.87 0.98 1.73
CA GLY A 400 22.20 0.80 0.32
C GLY A 400 23.24 1.75 -0.22
N TYR A 401 23.74 1.43 -1.41
CA TYR A 401 24.71 2.26 -2.09
C TYR A 401 23.94 3.14 -3.04
N LEU A 402 24.43 4.35 -3.24
CA LEU A 402 23.76 5.26 -4.13
C LEU A 402 24.81 6.24 -4.70
N GLU A 403 24.82 6.36 -6.03
CA GLU A 403 25.73 7.29 -6.65
C GLU A 403 25.13 8.69 -6.48
N GLN A 404 25.89 9.62 -5.93
CA GLN A 404 25.41 10.99 -5.74
C GLN A 404 26.50 11.93 -6.20
N GLY A 405 26.33 12.47 -7.39
CA GLY A 405 27.33 13.38 -7.92
C GLY A 405 28.65 12.69 -8.16
N LYS A 406 29.71 13.22 -7.53
CA LYS A 406 31.04 12.63 -7.67
C LYS A 406 31.33 11.67 -6.55
N ARG A 407 30.28 11.28 -5.82
CA ARG A 407 30.43 10.37 -4.72
C ARG A 407 29.45 9.22 -4.80
N ILE A 408 29.78 8.16 -4.07
CA ILE A 408 28.91 7.01 -3.94
C ILE A 408 28.71 7.00 -2.42
N THR A 409 27.46 6.92 -1.99
CA THR A 409 27.15 6.91 -0.57
C THR A 409 26.63 5.56 -0.11
N LEU A 410 26.69 5.36 1.20
CA LEU A 410 26.20 4.15 1.89
C LEU A 410 25.31 4.73 2.98
N SER A 411 24.03 4.35 3.02
CA SER A 411 23.09 4.93 3.98
C SER A 411 22.34 4.00 4.93
N PRO A 412 23.01 3.49 5.94
CA PRO A 412 22.35 2.59 6.89
C PRO A 412 21.41 3.38 7.82
N ARG A 413 20.17 2.92 7.90
CA ARG A 413 19.18 3.57 8.74
C ARG A 413 18.54 2.44 9.53
N ASN A 414 18.50 2.62 10.84
CA ASN A 414 17.95 1.63 11.76
C ASN A 414 16.74 2.19 12.45
N TYR A 415 15.76 1.33 12.71
CA TYR A 415 14.54 1.76 13.35
C TYR A 415 14.00 0.75 14.32
N TRP A 416 13.36 1.27 15.36
CA TRP A 416 12.73 0.47 16.40
C TRP A 416 11.36 1.11 16.62
N VAL A 417 10.31 0.31 16.55
CA VAL A 417 8.95 0.78 16.77
C VAL A 417 8.31 -0.17 17.77
N ARG A 418 7.63 0.37 18.78
CA ARG A 418 6.94 -0.48 19.73
C ARG A 418 5.58 0.18 19.94
N GLY A 419 4.54 -0.64 20.04
CA GLY A 419 3.22 -0.09 20.26
C GLY A 419 2.31 -0.99 21.06
N ILE A 420 1.34 -0.39 21.73
CA ILE A 420 0.36 -1.14 22.51
C ILE A 420 -0.98 -0.46 22.28
N GLU A 421 -1.97 -1.25 21.93
CA GLU A 421 -3.27 -0.69 21.64
C GLU A 421 -4.49 -1.44 22.17
N PRO A 422 -5.05 -0.97 23.29
CA PRO A 422 -6.23 -1.65 23.83
C PRO A 422 -7.45 -1.01 23.14
N ARG A 423 -8.47 -1.82 22.84
CA ARG A 423 -9.71 -1.38 22.20
C ARG A 423 -10.89 -2.08 22.89
N TYR A 424 -12.05 -1.43 22.90
CA TYR A 424 -13.21 -2.01 23.52
C TYR A 424 -14.47 -1.67 22.73
N SER A 425 -15.29 -2.68 22.50
CA SER A 425 -16.54 -2.49 21.78
C SER A 425 -17.68 -3.16 22.51
N GLN A 426 -18.82 -2.49 22.54
CA GLN A 426 -19.98 -3.05 23.20
C GLN A 426 -21.22 -2.54 22.46
N ILE A 427 -22.21 -3.41 22.31
CA ILE A 427 -23.42 -3.00 21.62
C ILE A 427 -24.59 -3.14 22.58
N PHE A 428 -25.45 -2.13 22.58
CA PHE A 428 -26.62 -2.13 23.44
C PHE A 428 -27.76 -1.40 22.71
N MET A 429 -28.98 -1.53 23.24
CA MET A 429 -30.13 -0.87 22.65
C MET A 429 -30.48 0.35 23.49
N ILE A 430 -30.89 1.40 22.81
CA ILE A 430 -31.36 2.60 23.46
C ILE A 430 -32.64 2.84 22.69
N GLY A 431 -33.72 2.25 23.19
CA GLY A 431 -34.99 2.40 22.52
C GLY A 431 -34.95 1.50 21.30
N PRO A 432 -35.40 1.98 20.14
CA PRO A 432 -35.42 1.20 18.90
C PRO A 432 -34.07 1.11 18.17
N SER A 433 -33.14 2.01 18.51
CA SER A 433 -31.84 2.05 17.84
C SER A 433 -30.73 1.28 18.55
N ALA A 434 -29.89 0.60 17.77
CA ALA A 434 -28.79 -0.17 18.33
C ALA A 434 -27.56 0.72 18.27
N HIS A 435 -26.80 0.75 19.35
CA HIS A 435 -25.61 1.56 19.44
C HIS A 435 -24.41 0.66 19.69
N GLU A 436 -23.45 0.68 18.77
CA GLU A 436 -22.22 -0.09 18.98
C GLU A 436 -21.14 0.95 19.28
N VAL A 437 -20.76 1.04 20.54
CA VAL A 437 -19.75 2.01 20.93
C VAL A 437 -18.37 1.39 20.86
N GLY A 438 -17.47 2.09 20.19
CA GLY A 438 -16.11 1.60 20.08
C GLY A 438 -15.20 2.65 20.68
N VAL A 439 -14.27 2.22 21.52
CA VAL A 439 -13.30 3.15 22.12
C VAL A 439 -11.95 2.48 21.92
N GLY A 440 -10.91 3.29 21.73
CA GLY A 440 -9.60 2.72 21.53
C GLY A 440 -8.51 3.68 21.90
N TYR A 441 -7.33 3.11 22.16
CA TYR A 441 -6.16 3.90 22.53
C TYR A 441 -4.90 3.24 22.00
N ARG A 442 -3.97 4.05 21.51
CA ARG A 442 -2.72 3.48 21.07
C ARG A 442 -1.56 4.34 21.50
N TYR A 443 -0.59 3.68 22.13
CA TYR A 443 0.63 4.33 22.53
C TYR A 443 1.65 3.76 21.55
N LEU A 444 2.36 4.62 20.84
CA LEU A 444 3.38 4.15 19.90
C LEU A 444 4.65 4.96 20.08
N ASN A 445 5.77 4.24 20.10
CA ASN A 445 7.05 4.87 20.26
C ASN A 445 7.97 4.41 19.15
N GLU A 446 8.59 5.35 18.44
CA GLU A 446 9.53 4.99 17.38
C GLU A 446 10.84 5.71 17.62
N SER A 447 11.93 5.07 17.23
CA SER A 447 13.29 5.63 17.41
C SER A 447 14.05 5.33 16.13
N THR A 448 14.95 6.22 15.75
CA THR A 448 15.69 6.02 14.53
C THR A 448 17.15 6.39 14.69
N HIS A 449 17.94 5.98 13.71
CA HIS A 449 19.35 6.30 13.63
C HIS A 449 19.70 6.24 12.14
N GLU A 450 20.09 7.38 11.57
CA GLU A 450 20.45 7.43 10.16
C GLU A 450 21.89 7.89 9.98
N MET A 451 22.66 7.22 9.13
CA MET A 451 24.03 7.66 8.85
C MET A 451 24.31 7.59 7.35
N ARG A 452 25.26 8.39 6.89
CA ARG A 452 25.61 8.33 5.47
C ARG A 452 27.11 8.42 5.31
N TYR A 453 27.71 7.35 4.82
CA TYR A 453 29.12 7.26 4.55
C TYR A 453 29.32 7.54 3.06
N TYR A 454 30.52 7.94 2.67
CA TYR A 454 30.77 8.23 1.27
C TYR A 454 32.23 8.04 0.86
N THR A 455 32.44 7.90 -0.44
CA THR A 455 33.76 7.78 -1.05
C THR A 455 33.65 8.56 -2.34
N ALA A 456 34.79 8.93 -2.91
CA ALA A 456 34.77 9.61 -4.18
C ALA A 456 34.56 8.51 -5.23
N THR A 457 33.69 8.75 -6.19
CA THR A 457 33.45 7.76 -7.23
C THR A 457 34.74 7.51 -8.00
N SER A 458 35.52 8.57 -8.21
CA SER A 458 36.78 8.51 -8.94
C SER A 458 37.72 7.43 -8.39
N SER A 459 37.47 6.99 -7.16
CA SER A 459 38.29 5.95 -6.57
C SER A 459 37.60 4.64 -6.95
N GLY A 460 38.17 3.52 -6.56
CA GLY A 460 37.50 2.26 -6.81
C GLY A 460 36.72 2.21 -5.51
N GLN A 461 36.58 1.04 -4.92
CA GLN A 461 35.90 0.91 -3.62
C GLN A 461 34.58 1.66 -3.31
N LEU A 462 33.62 0.89 -2.83
CA LEU A 462 32.32 1.40 -2.43
C LEU A 462 32.54 1.93 -1.01
N PRO A 463 31.67 2.83 -0.53
CA PRO A 463 31.93 3.31 0.83
C PRO A 463 31.66 2.15 1.79
N SER A 464 32.21 2.22 3.00
CA SER A 464 31.96 1.18 4.01
C SER A 464 31.96 1.82 5.40
N GLY A 465 31.88 0.97 6.42
CA GLY A 465 31.89 1.46 7.79
C GLY A 465 33.18 2.20 8.12
N SER A 466 34.20 2.04 7.27
CA SER A 466 35.47 2.71 7.51
C SER A 466 35.63 4.00 6.75
N SER A 467 34.62 4.37 5.98
CA SER A 467 34.67 5.59 5.19
C SER A 467 34.22 6.77 6.03
N PRO A 468 34.55 7.99 5.58
CA PRO A 468 34.09 9.14 6.38
C PRO A 468 32.57 9.24 6.20
N TYR A 469 31.91 9.93 7.09
CA TYR A 469 30.47 10.08 6.96
C TYR A 469 30.04 11.52 7.15
N ASP A 470 29.02 11.92 6.40
CA ASP A 470 28.53 13.30 6.47
C ASP A 470 27.12 13.40 7.03
N ARG A 471 26.61 12.30 7.59
CA ARG A 471 25.29 12.33 8.24
C ARG A 471 25.23 11.37 9.43
N ASP A 472 24.71 11.84 10.54
CA ASP A 472 24.55 11.02 11.74
C ASP A 472 23.46 11.71 12.57
N THR A 473 22.23 11.24 12.37
CA THR A 473 21.08 11.79 13.07
C THR A 473 20.29 10.66 13.72
N ARG A 474 19.54 11.01 14.77
CA ARG A 474 18.70 10.08 15.48
C ARG A 474 17.41 10.89 15.77
N SER A 475 16.28 10.26 15.45
CA SER A 475 15.01 10.89 15.63
C SER A 475 14.12 9.96 16.37
N GLY A 476 12.96 10.46 16.75
CA GLY A 476 12.03 9.61 17.46
C GLY A 476 10.72 10.31 17.68
N THR A 477 9.71 9.52 17.98
CA THR A 477 8.38 10.05 18.22
C THR A 477 7.73 9.22 19.30
N GLU A 478 6.89 9.89 20.06
CA GLU A 478 6.09 9.28 21.12
C GLU A 478 4.68 9.74 20.72
N ALA A 479 3.76 8.80 20.42
CA ALA A 479 2.43 9.21 20.02
C ALA A 479 1.28 8.60 20.82
N HIS A 480 0.36 9.45 21.27
CA HIS A 480 -0.79 8.96 22.01
C HIS A 480 -2.04 9.23 21.13
N ALA A 481 -2.72 8.17 20.75
CA ALA A 481 -3.94 8.27 19.92
C ALA A 481 -5.15 7.70 20.66
N TRP A 482 -6.23 8.47 20.70
CA TRP A 482 -7.45 8.01 21.37
C TRP A 482 -8.54 8.07 20.32
N TYR A 483 -9.53 7.19 20.41
CA TYR A 483 -10.60 7.26 19.43
C TYR A 483 -11.90 6.75 20.05
N LEU A 484 -13.01 7.32 19.59
CA LEU A 484 -14.33 6.94 20.09
C LEU A 484 -15.35 7.06 18.97
N ASP A 485 -16.12 6.02 18.75
CA ASP A 485 -17.16 6.10 17.74
C ASP A 485 -18.35 5.28 18.24
N ASP A 486 -19.50 5.52 17.62
CA ASP A 486 -20.76 4.85 17.94
C ASP A 486 -21.50 4.61 16.64
N LYS A 487 -21.60 3.34 16.26
CA LYS A 487 -22.29 2.91 15.06
C LYS A 487 -23.77 2.74 15.47
N ILE A 488 -24.60 3.67 15.03
CA ILE A 488 -26.01 3.65 15.41
C ILE A 488 -26.98 3.15 14.36
N ASP A 489 -27.57 1.98 14.62
CA ASP A 489 -28.53 1.40 13.69
C ASP A 489 -29.95 1.84 14.04
N ILE A 490 -30.57 2.62 13.17
CA ILE A 490 -31.94 3.06 13.37
C ILE A 490 -32.67 2.87 12.02
N GLY A 491 -33.63 1.94 12.00
CA GLY A 491 -34.34 1.68 10.77
C GLY A 491 -33.33 1.22 9.72
N ASN A 492 -33.38 1.80 8.52
CA ASN A 492 -32.45 1.43 7.45
C ASN A 492 -31.17 2.24 7.53
N TRP A 493 -31.03 3.05 8.57
CA TRP A 493 -29.83 3.84 8.70
C TRP A 493 -28.83 3.22 9.66
N THR A 494 -27.55 3.49 9.39
CA THR A 494 -26.44 3.08 10.22
C THR A 494 -25.61 4.36 10.19
N ILE A 495 -25.57 5.04 11.33
CA ILE A 495 -24.88 6.33 11.45
C ILE A 495 -23.75 6.21 12.45
N THR A 496 -22.57 6.63 12.03
CA THR A 496 -21.42 6.52 12.87
C THR A 496 -20.62 7.78 13.09
N PRO A 497 -20.95 8.53 14.15
CA PRO A 497 -20.21 9.76 14.47
C PRO A 497 -18.93 9.18 15.08
N GLY A 498 -17.82 9.88 14.90
CA GLY A 498 -16.57 9.39 15.45
C GLY A 498 -15.58 10.52 15.69
N MET A 499 -14.58 10.24 16.52
CA MET A 499 -13.59 11.26 16.85
C MET A 499 -12.26 10.63 17.17
N ARG A 500 -11.20 11.11 16.51
CA ARG A 500 -9.86 10.63 16.81
C ARG A 500 -9.09 11.82 17.34
N PHE A 501 -8.20 11.55 18.29
CA PHE A 501 -7.36 12.61 18.82
C PHE A 501 -5.98 12.06 19.00
N GLU A 502 -4.99 12.71 18.40
CA GLU A 502 -3.63 12.28 18.57
C GLU A 502 -2.78 13.38 19.19
N HIS A 503 -1.91 12.99 20.13
CA HIS A 503 -0.96 13.96 20.71
C HIS A 503 0.40 13.39 20.30
N ILE A 504 1.16 14.17 19.56
CA ILE A 504 2.45 13.71 19.01
C ILE A 504 3.68 14.54 19.37
N GLU A 505 4.71 13.84 19.84
CA GLU A 505 5.97 14.49 20.21
C GLU A 505 7.12 13.83 19.47
N SER A 506 7.80 14.61 18.66
CA SER A 506 8.91 14.12 17.86
C SER A 506 10.16 14.98 18.02
N TYR A 507 11.31 14.37 17.78
CA TYR A 507 12.56 15.09 17.88
C TYR A 507 13.52 14.59 16.81
N GLN A 508 14.51 15.40 16.53
CA GLN A 508 15.58 15.03 15.63
C GLN A 508 16.85 15.52 16.27
N ASN A 509 17.79 14.59 16.48
CA ASN A 509 19.07 14.92 17.09
C ASN A 509 20.17 14.71 16.05
N ASN A 510 20.86 15.79 15.70
CA ASN A 510 21.94 15.74 14.70
C ASN A 510 23.28 15.72 15.44
N ALA A 511 23.96 14.57 15.40
CA ALA A 511 25.24 14.41 16.08
C ALA A 511 26.37 15.21 15.41
N ILE A 512 26.22 15.58 14.15
CA ILE A 512 27.28 16.34 13.55
C ILE A 512 27.13 17.83 13.83
N THR A 513 25.95 18.39 13.60
CA THR A 513 25.76 19.80 13.85
C THR A 513 25.53 20.10 15.34
N GLY A 514 25.11 19.09 16.11
CA GLY A 514 24.88 19.30 17.53
C GLY A 514 23.49 19.87 17.83
N THR A 515 22.65 19.96 16.81
CA THR A 515 21.30 20.48 16.97
C THR A 515 20.36 19.44 17.54
N HIS A 516 19.41 19.89 18.34
CA HIS A 516 18.42 18.99 18.92
C HIS A 516 17.12 19.77 18.81
N GLU A 517 16.22 19.27 17.99
CA GLU A 517 14.94 19.92 17.75
C GLU A 517 13.76 19.03 18.12
N GLU A 518 12.70 19.67 18.59
CA GLU A 518 11.50 18.96 19.03
C GLU A 518 10.20 19.67 18.57
N VAL A 519 9.14 18.89 18.44
CA VAL A 519 7.85 19.46 18.10
C VAL A 519 6.82 18.70 18.89
N SER A 520 5.80 19.42 19.34
CA SER A 520 4.70 18.81 20.10
C SER A 520 3.43 19.33 19.44
N TYR A 521 2.54 18.45 19.00
CA TYR A 521 1.32 18.93 18.35
C TYR A 521 0.18 17.94 18.44
N ASN A 522 -1.02 18.42 18.14
CA ASN A 522 -2.20 17.57 18.26
C ASN A 522 -2.99 17.49 16.97
N ALA A 523 -3.74 16.40 16.84
CA ALA A 523 -4.58 16.21 15.66
C ALA A 523 -5.99 15.79 16.03
N PRO A 524 -6.88 16.77 16.20
CA PRO A 524 -8.27 16.45 16.54
C PRO A 524 -8.93 16.11 15.20
N LEU A 525 -9.59 14.95 15.12
CA LEU A 525 -10.21 14.53 13.85
C LEU A 525 -11.62 14.02 14.00
N PRO A 526 -12.60 14.94 13.89
CA PRO A 526 -14.00 14.59 14.01
C PRO A 526 -14.55 14.06 12.69
N ALA A 527 -15.41 13.05 12.77
CA ALA A 527 -15.98 12.43 11.58
C ALA A 527 -17.43 11.98 11.76
N LEU A 528 -18.10 11.80 10.63
CA LEU A 528 -19.47 11.29 10.61
C LEU A 528 -19.69 10.50 9.33
N ASN A 529 -19.97 9.20 9.46
CA ASN A 529 -20.29 8.48 8.24
C ASN A 529 -21.72 7.94 8.35
N VAL A 530 -22.37 7.82 7.20
CA VAL A 530 -23.75 7.36 7.14
C VAL A 530 -23.95 6.31 6.06
N LEU A 531 -24.61 5.23 6.44
CA LEU A 531 -24.92 4.18 5.49
C LEU A 531 -26.44 4.08 5.48
N TYR A 532 -27.03 3.95 4.28
CA TYR A 532 -28.47 3.79 4.15
C TYR A 532 -28.73 2.55 3.29
N HIS A 533 -29.49 1.60 3.83
CA HIS A 533 -29.82 0.39 3.10
C HIS A 533 -31.05 0.56 2.20
N LEU A 534 -30.82 0.80 0.90
CA LEU A 534 -31.91 0.92 -0.07
C LEU A 534 -32.64 -0.41 -0.14
N THR A 535 -31.88 -1.48 -0.37
CA THR A 535 -32.46 -2.82 -0.42
C THR A 535 -31.45 -3.76 0.21
N ASP A 536 -31.78 -5.04 0.31
CA ASP A 536 -30.87 -6.02 0.89
C ASP A 536 -29.62 -6.24 0.03
N SER A 537 -29.57 -5.57 -1.11
CA SER A 537 -28.42 -5.74 -1.97
C SER A 537 -27.97 -4.42 -2.57
N TRP A 538 -28.36 -3.31 -1.95
CA TRP A 538 -28.03 -1.99 -2.47
C TRP A 538 -27.90 -0.98 -1.34
N ASN A 539 -26.69 -0.48 -1.12
CA ASN A 539 -26.43 0.50 -0.08
C ASN A 539 -26.03 1.83 -0.67
N LEU A 540 -26.21 2.86 0.14
CA LEU A 540 -25.86 4.23 -0.17
C LEU A 540 -25.01 4.69 1.00
N TYR A 541 -24.00 5.51 0.75
CA TYR A 541 -23.19 5.98 1.89
C TYR A 541 -22.73 7.38 1.66
N ALA A 542 -22.44 8.06 2.75
CA ALA A 542 -21.92 9.42 2.67
C ALA A 542 -21.04 9.55 3.91
N ASN A 543 -20.09 10.46 3.85
CA ASN A 543 -19.25 10.66 5.00
C ASN A 543 -18.38 11.86 4.88
N THR A 544 -17.82 12.23 6.02
CA THR A 544 -16.83 13.28 6.08
C THR A 544 -15.90 12.87 7.22
N GLU A 545 -14.62 13.12 7.04
CA GLU A 545 -13.62 12.74 8.02
C GLU A 545 -12.49 13.75 8.08
N GLY A 546 -11.84 13.78 9.23
CA GLY A 546 -10.70 14.65 9.45
C GLY A 546 -9.53 13.70 9.31
N SER A 547 -8.58 14.09 8.47
CA SER A 547 -7.40 13.29 8.18
C SER A 547 -6.11 14.02 8.41
N PHE A 548 -5.01 13.30 8.61
CA PHE A 548 -3.78 14.05 8.83
C PHE A 548 -2.46 13.42 8.45
N GLY A 549 -1.51 14.29 8.17
CA GLY A 549 -0.15 13.91 7.86
C GLY A 549 0.64 14.49 9.03
N THR A 550 1.72 13.84 9.40
CA THR A 550 2.55 14.31 10.51
C THR A 550 3.62 15.29 10.06
N VAL A 551 4.37 15.81 11.04
CA VAL A 551 5.51 16.66 10.76
C VAL A 551 6.61 15.59 10.67
N GLN A 552 7.05 15.28 9.48
CA GLN A 552 8.07 14.25 9.32
C GLN A 552 9.45 14.68 9.87
N TYR A 553 10.26 13.71 10.28
CA TYR A 553 11.57 14.08 10.82
C TYR A 553 12.34 15.08 9.94
N SER A 554 12.37 14.87 8.64
CA SER A 554 13.08 15.80 7.75
C SER A 554 12.43 17.18 7.67
N GLN A 555 11.27 17.35 8.28
CA GLN A 555 10.60 18.66 8.20
C GLN A 555 10.60 19.41 9.53
N ILE A 556 11.12 18.75 10.56
CA ILE A 556 11.19 19.35 11.89
C ILE A 556 11.98 20.65 11.90
N GLY A 557 13.06 20.70 11.13
CA GLY A 557 13.86 21.91 11.08
C GLY A 557 13.00 23.04 10.53
N LYS A 558 12.31 22.77 9.43
CA LYS A 558 11.46 23.76 8.80
C LYS A 558 10.30 24.17 9.71
N ALA A 559 9.68 23.20 10.38
CA ALA A 559 8.57 23.46 11.26
C ALA A 559 8.96 24.34 12.45
N VAL A 560 10.11 24.09 13.07
CA VAL A 560 10.52 24.92 14.20
C VAL A 560 10.95 26.33 13.72
N GLN A 561 11.70 26.37 12.62
CA GLN A 561 12.19 27.63 12.05
C GLN A 561 11.06 28.58 11.66
N SER A 562 10.05 28.07 10.98
CA SER A 562 8.94 28.91 10.56
C SER A 562 8.03 29.24 11.74
N GLY A 563 8.28 28.60 12.87
CA GLY A 563 7.48 28.87 14.06
C GLY A 563 6.16 28.13 14.12
N ASN A 564 5.75 27.53 13.01
CA ASN A 564 4.50 26.81 13.00
C ASN A 564 4.67 25.30 13.03
N VAL A 565 4.13 24.70 14.09
CA VAL A 565 4.17 23.26 14.28
C VAL A 565 2.73 22.79 14.39
N GLU A 566 2.18 22.38 13.27
CA GLU A 566 0.81 21.91 13.28
C GLU A 566 0.85 20.74 12.29
N PRO A 567 -0.04 19.75 12.46
CA PRO A 567 -0.04 18.61 11.53
C PRO A 567 -0.50 19.05 10.13
N GLU A 568 -0.31 18.19 9.14
CA GLU A 568 -0.76 18.47 7.78
C GLU A 568 -2.23 18.05 7.91
N LYS A 569 -3.16 18.94 7.62
CA LYS A 569 -4.57 18.63 7.83
C LYS A 569 -5.43 18.47 6.61
N ALA A 570 -6.26 17.45 6.63
CA ALA A 570 -7.18 17.25 5.52
C ALA A 570 -8.60 16.99 6.02
N ARG A 571 -9.57 17.36 5.20
CA ARG A 571 -10.99 17.15 5.49
C ARG A 571 -11.47 16.53 4.20
N THR A 572 -12.03 15.33 4.33
CA THR A 572 -12.53 14.56 3.21
C THR A 572 -14.04 14.36 3.23
N TRP A 573 -14.63 14.26 2.04
CA TRP A 573 -16.06 14.03 1.85
C TRP A 573 -16.26 12.95 0.78
N GLU A 574 -17.17 12.02 1.02
CA GLU A 574 -17.45 11.00 0.03
C GLU A 574 -18.97 10.83 -0.04
N LEU A 575 -19.42 10.36 -1.20
CA LEU A 575 -20.82 10.06 -1.49
C LEU A 575 -20.71 8.88 -2.44
N GLY A 576 -21.50 7.83 -2.24
CA GLY A 576 -21.41 6.71 -3.14
C GLY A 576 -22.43 5.64 -2.87
N THR A 577 -22.39 4.60 -3.68
CA THR A 577 -23.31 3.50 -3.57
C THR A 577 -22.61 2.19 -3.94
N ARG A 578 -23.07 1.10 -3.33
CA ARG A 578 -22.51 -0.23 -3.58
C ARG A 578 -23.70 -1.15 -3.86
N TYR A 579 -23.53 -2.05 -4.81
CA TYR A 579 -24.60 -2.96 -5.23
C TYR A 579 -24.11 -4.37 -5.52
N ASP A 580 -24.91 -5.36 -5.17
CA ASP A 580 -24.55 -6.75 -5.38
C ASP A 580 -25.79 -7.65 -5.34
N ASP A 581 -26.29 -8.06 -6.50
CA ASP A 581 -27.44 -8.95 -6.55
C ASP A 581 -27.00 -10.35 -6.99
N GLY A 582 -25.69 -10.62 -6.93
CA GLY A 582 -25.19 -11.93 -7.33
C GLY A 582 -24.74 -12.05 -8.78
N ALA A 583 -25.48 -11.44 -9.70
CA ALA A 583 -25.14 -11.48 -11.13
C ALA A 583 -24.38 -10.21 -11.48
N LEU A 584 -24.67 -9.15 -10.74
CA LEU A 584 -24.04 -7.88 -10.98
C LEU A 584 -23.53 -7.32 -9.67
N THR A 585 -22.27 -6.91 -9.67
CA THR A 585 -21.69 -6.26 -8.50
C THR A 585 -21.17 -4.97 -9.11
N ALA A 586 -21.42 -3.85 -8.45
CA ALA A 586 -20.98 -2.56 -8.95
C ALA A 586 -20.95 -1.58 -7.79
N GLU A 587 -20.26 -0.47 -7.99
CA GLU A 587 -20.19 0.57 -6.98
C GLU A 587 -19.82 1.83 -7.72
N MET A 588 -20.12 2.97 -7.14
CA MET A 588 -19.75 4.23 -7.74
C MET A 588 -19.74 5.23 -6.62
N GLY A 589 -18.67 5.99 -6.51
CA GLY A 589 -18.66 6.99 -5.46
C GLY A 589 -17.94 8.23 -5.89
N LEU A 590 -18.19 9.33 -5.20
CA LEU A 590 -17.51 10.58 -5.47
C LEU A 590 -16.70 10.87 -4.21
N PHE A 591 -15.66 11.68 -4.36
CA PHE A 591 -14.82 12.05 -3.23
C PHE A 591 -14.27 13.45 -3.40
N LEU A 592 -13.95 14.07 -2.28
CA LEU A 592 -13.37 15.39 -2.28
C LEU A 592 -12.39 15.40 -1.11
N ILE A 593 -11.15 15.79 -1.37
CA ILE A 593 -10.16 15.88 -0.33
C ILE A 593 -9.51 17.25 -0.38
N ASN A 594 -9.49 17.97 0.74
CA ASN A 594 -8.79 19.25 0.81
C ASN A 594 -7.65 18.99 1.81
N PHE A 595 -6.42 19.03 1.32
CA PHE A 595 -5.23 18.70 2.13
C PHE A 595 -4.37 19.93 2.28
N ASN A 596 -4.36 20.48 3.49
CA ASN A 596 -3.66 21.72 3.78
C ASN A 596 -2.42 21.55 4.64
N ASN A 597 -1.66 22.64 4.74
CA ASN A 597 -0.47 22.69 5.58
C ASN A 597 0.53 21.56 5.41
N GLN A 598 0.78 21.14 4.17
CA GLN A 598 1.72 20.07 3.92
C GLN A 598 3.12 20.66 4.00
N TYR A 599 4.01 19.98 4.71
CA TYR A 599 5.36 20.52 4.84
C TYR A 599 6.11 20.47 3.52
N ASP A 600 5.66 19.58 2.63
CA ASP A 600 6.27 19.53 1.30
C ASP A 600 5.46 20.53 0.45
N SER A 601 6.09 21.64 0.10
CA SER A 601 5.42 22.64 -0.72
C SER A 601 5.33 22.13 -2.16
N ASN A 602 4.30 22.54 -2.90
CA ASN A 602 4.19 22.16 -4.31
C ASN A 602 4.76 23.24 -5.21
N GLN A 603 5.42 24.24 -4.63
CA GLN A 603 6.01 25.29 -5.44
C GLN A 603 7.30 24.77 -6.09
N THR A 604 7.80 25.43 -7.12
CA THR A 604 9.01 24.93 -7.77
C THR A 604 10.18 25.03 -6.82
N ASN A 605 10.11 26.00 -5.92
CA ASN A 605 11.15 26.26 -4.94
C ASN A 605 10.57 26.20 -3.53
N ASP A 606 10.93 25.17 -2.77
CA ASP A 606 10.41 25.05 -1.41
C ASP A 606 11.15 26.05 -0.52
N THR A 607 10.38 26.71 0.35
CA THR A 607 10.94 27.69 1.26
C THR A 607 10.44 27.33 2.66
N VAL A 608 11.11 27.87 3.67
CA VAL A 608 10.78 27.57 5.05
C VAL A 608 9.31 27.80 5.45
N THR A 609 8.70 28.87 4.97
CA THR A 609 7.31 29.16 5.32
C THR A 609 6.27 28.57 4.37
N ALA A 610 6.68 28.08 3.21
CA ALA A 610 5.72 27.53 2.28
C ALA A 610 5.05 26.27 2.83
N ARG A 611 3.78 26.08 2.49
CA ARG A 611 3.04 24.90 2.91
C ARG A 611 2.26 24.41 1.70
N GLY A 612 2.34 23.12 1.38
CA GLY A 612 1.61 22.63 0.24
C GLY A 612 0.13 22.55 0.52
N LYS A 613 -0.65 22.74 -0.53
CA LYS A 613 -2.11 22.67 -0.44
C LYS A 613 -2.62 22.08 -1.74
N THR A 614 -3.33 20.95 -1.66
CA THR A 614 -3.82 20.31 -2.87
C THR A 614 -5.27 19.89 -2.64
N ARG A 615 -6.00 19.74 -3.74
CA ARG A 615 -7.40 19.35 -3.68
C ARG A 615 -7.53 18.17 -4.61
N HIS A 616 -8.19 17.12 -4.14
CA HIS A 616 -8.36 15.90 -4.91
C HIS A 616 -9.85 15.61 -5.00
N THR A 617 -10.37 15.59 -6.22
CA THR A 617 -11.77 15.31 -6.44
C THR A 617 -11.90 14.28 -7.56
N GLY A 618 -13.00 13.56 -7.58
CA GLY A 618 -13.16 12.59 -8.63
C GLY A 618 -14.26 11.60 -8.41
N LEU A 619 -14.22 10.56 -9.25
CA LEU A 619 -15.19 9.52 -9.25
C LEU A 619 -14.51 8.15 -9.34
N GLU A 620 -14.95 7.21 -8.51
CA GLU A 620 -14.36 5.87 -8.55
C GLU A 620 -15.49 4.90 -8.78
N THR A 621 -15.24 3.89 -9.61
CA THR A 621 -16.27 2.92 -9.91
C THR A 621 -15.68 1.62 -10.40
N GLN A 622 -16.44 0.54 -10.23
CA GLN A 622 -16.02 -0.74 -10.77
C GLN A 622 -17.29 -1.60 -10.80
N ALA A 623 -17.27 -2.64 -11.62
CA ALA A 623 -18.42 -3.52 -11.73
C ALA A 623 -17.98 -4.85 -12.32
N ARG A 624 -18.74 -5.90 -12.02
CA ARG A 624 -18.50 -7.25 -12.53
C ARG A 624 -19.89 -7.80 -12.86
N TYR A 625 -20.00 -8.47 -14.01
CA TYR A 625 -21.28 -8.99 -14.47
C TYR A 625 -21.16 -10.35 -15.15
N ASP A 626 -22.04 -11.25 -14.73
CA ASP A 626 -22.12 -12.61 -15.29
C ASP A 626 -22.93 -12.56 -16.60
N LEU A 627 -22.23 -12.62 -17.74
CA LEU A 627 -22.91 -12.57 -19.03
C LEU A 627 -23.75 -13.82 -19.25
N GLY A 628 -23.52 -14.84 -18.44
CA GLY A 628 -24.28 -16.06 -18.59
C GLY A 628 -25.75 -15.80 -18.29
N THR A 629 -26.04 -14.67 -17.68
CA THR A 629 -27.41 -14.33 -17.37
C THR A 629 -28.08 -13.89 -18.66
N LEU A 630 -27.28 -13.63 -19.70
CA LEU A 630 -27.85 -13.17 -20.96
C LEU A 630 -28.11 -14.28 -21.97
N THR A 631 -27.26 -15.30 -21.97
CA THR A 631 -27.38 -16.42 -22.89
C THR A 631 -26.42 -17.51 -22.43
N PRO A 632 -26.83 -18.78 -22.52
CA PRO A 632 -25.94 -19.86 -22.11
C PRO A 632 -24.69 -19.88 -23.00
N THR A 633 -24.77 -19.22 -24.14
CA THR A 633 -23.63 -19.17 -25.03
C THR A 633 -22.47 -18.50 -24.28
N LEU A 634 -22.82 -17.66 -23.31
CA LEU A 634 -21.85 -16.95 -22.51
C LEU A 634 -21.76 -17.46 -21.10
N ASP A 635 -22.11 -18.73 -20.88
CA ASP A 635 -22.01 -19.23 -19.54
C ASP A 635 -20.57 -19.23 -19.06
N ASN A 636 -20.39 -18.90 -17.79
CA ASN A 636 -19.08 -18.83 -17.16
C ASN A 636 -18.23 -17.71 -17.73
N VAL A 637 -18.87 -16.82 -18.48
CA VAL A 637 -18.19 -15.68 -19.03
C VAL A 637 -18.57 -14.52 -18.13
N SER A 638 -17.57 -13.88 -17.55
CA SER A 638 -17.80 -12.74 -16.68
C SER A 638 -17.00 -11.57 -17.23
N ILE A 639 -17.57 -10.36 -17.17
CA ILE A 639 -16.87 -9.18 -17.67
C ILE A 639 -16.79 -8.19 -16.53
N TYR A 640 -15.69 -7.44 -16.45
CA TYR A 640 -15.53 -6.47 -15.38
C TYR A 640 -14.75 -5.26 -15.85
N ALA A 641 -14.78 -4.23 -15.02
CA ALA A 641 -14.04 -3.01 -15.31
C ALA A 641 -13.93 -2.19 -14.02
N SER A 642 -12.87 -1.39 -13.92
CA SER A 642 -12.68 -0.51 -12.77
C SER A 642 -12.23 0.77 -13.41
N TYR A 643 -12.58 1.89 -12.79
CA TYR A 643 -12.23 3.17 -13.35
C TYR A 643 -12.29 4.27 -12.32
N ALA A 644 -11.39 5.23 -12.43
CA ALA A 644 -11.48 6.38 -11.55
C ALA A 644 -11.10 7.59 -12.34
N TYR A 645 -11.84 8.67 -12.12
CA TYR A 645 -11.51 9.96 -12.72
C TYR A 645 -10.97 10.66 -11.47
N VAL A 646 -9.73 11.09 -11.53
CA VAL A 646 -9.10 11.75 -10.40
C VAL A 646 -8.51 13.07 -10.84
N ASN A 647 -8.92 14.15 -10.19
CA ASN A 647 -8.35 15.44 -10.53
C ASN A 647 -7.64 16.00 -9.31
N ALA A 648 -6.31 15.85 -9.29
CA ALA A 648 -5.49 16.31 -8.17
C ALA A 648 -4.80 17.58 -8.58
N GLU A 649 -5.22 18.67 -7.94
CA GLU A 649 -4.70 19.98 -8.26
C GLU A 649 -3.96 20.69 -7.12
N ILE A 650 -3.05 21.55 -7.50
CA ILE A 650 -2.28 22.29 -6.53
C ILE A 650 -3.03 23.59 -6.28
N ARG A 651 -3.43 23.81 -5.03
CA ARG A 651 -4.13 25.03 -4.67
C ARG A 651 -3.33 25.93 -3.73
N GLU A 652 -2.02 25.69 -3.66
CA GLU A 652 -1.13 26.50 -2.85
C GLU A 652 -0.82 27.76 -3.66
N LYS A 653 -1.07 28.93 -3.06
CA LYS A 653 -0.78 30.17 -3.76
C LYS A 653 0.71 30.20 -4.00
N GLY A 654 1.12 30.55 -5.21
CA GLY A 654 2.53 30.56 -5.52
C GLY A 654 2.72 30.23 -6.99
N ASP A 655 3.96 29.92 -7.39
CA ASP A 655 4.25 29.66 -8.79
C ASP A 655 3.71 28.40 -9.44
N THR A 656 2.90 27.62 -8.74
CA THR A 656 2.32 26.43 -9.36
C THR A 656 0.81 26.36 -9.08
N TYR A 657 0.24 27.47 -8.62
CA TYR A 657 -1.20 27.53 -8.33
C TYR A 657 -2.01 27.17 -9.60
N GLY A 658 -2.90 26.18 -9.54
CA GLY A 658 -3.68 25.84 -10.71
C GLY A 658 -3.09 24.69 -11.52
N ASN A 659 -1.86 24.31 -11.19
CA ASN A 659 -1.20 23.21 -11.87
C ASN A 659 -1.72 21.87 -11.37
N LEU A 660 -1.36 20.79 -12.06
CA LEU A 660 -1.78 19.45 -11.68
C LEU A 660 -0.72 18.82 -10.80
N VAL A 661 -1.13 18.08 -9.78
CA VAL A 661 -0.17 17.40 -8.92
C VAL A 661 0.58 16.39 -9.81
N PRO A 662 1.90 16.24 -9.61
CA PRO A 662 2.64 15.26 -10.45
C PRO A 662 2.24 13.82 -10.14
N PHE A 663 2.44 12.96 -11.13
CA PHE A 663 2.18 11.52 -11.07
C PHE A 663 0.77 11.16 -10.66
N SER A 664 -0.19 11.83 -11.26
CA SER A 664 -1.59 11.60 -10.99
C SER A 664 -2.37 11.58 -12.30
N PRO A 665 -2.53 10.40 -12.88
CA PRO A 665 -3.29 10.27 -14.13
C PRO A 665 -4.76 10.60 -13.84
N LYS A 666 -5.37 11.39 -14.70
CA LYS A 666 -6.78 11.75 -14.52
C LYS A 666 -7.68 10.57 -14.75
N HIS A 667 -7.27 9.67 -15.66
CA HIS A 667 -8.08 8.51 -15.97
C HIS A 667 -7.25 7.24 -15.80
N LYS A 668 -7.79 6.27 -15.08
CA LYS A 668 -7.05 5.03 -14.86
C LYS A 668 -7.98 3.90 -14.50
N GLY A 669 -7.74 2.72 -15.06
CA GLY A 669 -8.59 1.61 -14.71
C GLY A 669 -8.19 0.33 -15.40
N THR A 670 -9.14 -0.60 -15.45
CA THR A 670 -8.88 -1.88 -16.05
C THR A 670 -10.20 -2.39 -16.59
N LEU A 671 -10.11 -3.32 -17.53
CA LEU A 671 -11.28 -3.99 -18.07
C LEU A 671 -10.83 -5.40 -18.38
N GLY A 672 -11.76 -6.33 -18.33
CA GLY A 672 -11.37 -7.69 -18.59
C GLY A 672 -12.54 -8.62 -18.71
N VAL A 673 -12.22 -9.84 -19.13
CA VAL A 673 -13.21 -10.88 -19.27
C VAL A 673 -12.57 -12.17 -18.81
N ASP A 674 -13.28 -12.90 -17.94
CA ASP A 674 -12.81 -14.16 -17.43
C ASP A 674 -13.77 -15.24 -17.94
N TYR A 675 -13.25 -16.30 -18.54
CA TYR A 675 -14.10 -17.37 -19.06
C TYR A 675 -13.66 -18.67 -18.40
N LYS A 676 -14.58 -19.32 -17.70
CA LYS A 676 -14.24 -20.54 -16.97
C LYS A 676 -15.03 -21.79 -17.32
N PRO A 677 -14.81 -22.35 -18.52
CA PRO A 677 -15.56 -23.55 -18.85
C PRO A 677 -14.89 -24.70 -18.10
N GLY A 678 -15.69 -25.54 -17.45
CA GLY A 678 -15.13 -26.68 -16.72
C GLY A 678 -13.98 -26.38 -15.78
N ASN A 679 -12.82 -26.97 -16.05
CA ASN A 679 -11.64 -26.74 -15.20
C ASN A 679 -10.68 -25.69 -15.74
N TRP A 680 -11.04 -25.09 -16.87
CA TRP A 680 -10.19 -24.08 -17.49
C TRP A 680 -10.52 -22.68 -17.00
N THR A 681 -9.52 -21.81 -17.10
CA THR A 681 -9.69 -20.41 -16.78
C THR A 681 -8.95 -19.69 -17.90
N PHE A 682 -9.67 -18.80 -18.58
CA PHE A 682 -9.10 -18.00 -19.66
C PHE A 682 -9.33 -16.56 -19.19
N ASN A 683 -8.25 -15.80 -19.08
CA ASN A 683 -8.37 -14.42 -18.66
C ASN A 683 -7.86 -13.50 -19.75
N LEU A 684 -8.53 -12.37 -19.91
CA LEU A 684 -8.14 -11.32 -20.85
C LEU A 684 -8.27 -10.08 -19.98
N ASN A 685 -7.28 -9.20 -20.02
CA ASN A 685 -7.36 -8.01 -19.18
C ASN A 685 -6.63 -6.84 -19.80
N SER A 686 -7.07 -5.64 -19.44
CA SER A 686 -6.43 -4.45 -19.92
C SER A 686 -6.23 -3.45 -18.78
N ASP A 687 -5.10 -2.75 -18.82
CA ASP A 687 -4.77 -1.71 -17.85
C ASP A 687 -4.59 -0.46 -18.70
N PHE A 688 -5.17 0.65 -18.28
CA PHE A 688 -5.04 1.87 -19.05
C PHE A 688 -4.95 3.04 -18.08
N GLN A 689 -4.32 4.11 -18.52
CA GLN A 689 -4.22 5.33 -17.72
C GLN A 689 -3.82 6.41 -18.68
N SER A 690 -4.21 7.63 -18.32
CA SER A 690 -3.90 8.74 -19.18
C SER A 690 -2.53 9.27 -18.75
N SER A 691 -2.14 10.38 -19.32
CA SER A 691 -0.86 10.99 -19.06
C SER A 691 -0.69 11.56 -17.66
N GLN A 692 0.54 11.92 -17.34
CA GLN A 692 0.81 12.53 -16.06
C GLN A 692 2.00 13.48 -16.19
N PHE A 693 2.11 14.45 -15.29
CA PHE A 693 3.27 15.33 -15.30
C PHE A 693 4.27 14.79 -14.28
N ALA A 694 5.54 15.12 -14.47
CA ALA A 694 6.56 14.62 -13.57
C ALA A 694 6.99 15.61 -12.51
N ASP A 695 6.58 16.87 -12.67
CA ASP A 695 6.98 17.90 -11.72
C ASP A 695 5.88 18.90 -11.45
N ASN A 696 6.02 19.62 -10.35
CA ASN A 696 5.03 20.61 -9.93
C ASN A 696 4.84 21.72 -10.98
N ALA A 697 5.90 21.99 -11.75
CA ALA A 697 5.83 23.02 -12.79
C ALA A 697 5.03 22.52 -13.99
N ASN A 698 4.74 21.22 -14.02
CA ASN A 698 3.99 20.62 -15.14
C ASN A 698 4.72 20.89 -16.48
N THR A 699 6.03 20.67 -16.53
CA THR A 699 6.73 20.90 -17.78
C THR A 699 6.29 19.82 -18.79
N VAL A 700 5.95 20.25 -20.00
CA VAL A 700 5.49 19.33 -21.02
C VAL A 700 6.63 18.69 -21.80
N LYS A 701 7.58 19.52 -22.18
CA LYS A 701 8.73 19.08 -22.98
C LYS A 701 9.77 18.32 -22.14
N GLU A 702 10.25 17.21 -22.70
CA GLU A 702 11.21 16.35 -22.02
C GLU A 702 12.62 16.94 -21.87
N SER A 703 13.19 16.81 -20.68
CA SER A 703 14.56 17.26 -20.41
C SER A 703 15.51 16.20 -20.99
N ALA A 704 16.74 16.59 -21.33
CA ALA A 704 17.66 15.63 -21.92
C ALA A 704 17.98 14.46 -20.97
N ASP A 705 18.04 14.72 -19.66
CA ASP A 705 18.33 13.67 -18.69
C ASP A 705 17.09 12.81 -18.42
N GLY A 706 16.00 13.11 -19.13
CA GLY A 706 14.78 12.34 -19.02
C GLY A 706 14.00 12.34 -17.73
N SER A 707 14.39 13.20 -16.79
CA SER A 707 13.76 13.32 -15.47
C SER A 707 12.43 14.10 -15.48
N THR A 708 12.23 14.97 -16.46
CA THR A 708 11.00 15.73 -16.51
C THR A 708 10.38 15.78 -17.91
N GLY A 709 9.10 16.14 -17.94
CA GLY A 709 8.38 16.18 -19.19
C GLY A 709 7.16 15.29 -19.05
N ARG A 710 6.17 15.58 -19.87
CA ARG A 710 4.93 14.83 -19.88
C ARG A 710 5.18 13.30 -20.04
N ILE A 711 4.42 12.51 -19.29
CA ILE A 711 4.52 11.07 -19.37
C ILE A 711 3.21 10.61 -20.03
N PRO A 712 3.31 10.04 -21.25
CA PRO A 712 2.12 9.57 -21.98
C PRO A 712 1.34 8.48 -21.26
N GLY A 713 0.05 8.42 -21.55
CA GLY A 713 -0.81 7.39 -20.99
C GLY A 713 -0.57 6.16 -21.85
N PHE A 714 -1.27 5.06 -21.60
CA PHE A 714 -1.07 3.83 -22.36
C PHE A 714 -2.22 2.89 -22.03
N MET A 715 -2.38 1.86 -22.85
CA MET A 715 -3.43 0.88 -22.65
C MET A 715 -2.77 -0.42 -23.01
N LEU A 716 -2.64 -1.29 -22.02
CA LEU A 716 -1.99 -2.57 -22.20
C LEU A 716 -3.02 -3.71 -22.19
N TRP A 717 -2.61 -4.82 -22.79
CA TRP A 717 -3.47 -6.00 -22.78
C TRP A 717 -2.64 -7.17 -22.28
N GLY A 718 -3.31 -8.07 -21.57
CA GLY A 718 -2.68 -9.28 -21.06
C GLY A 718 -3.66 -10.43 -21.17
N ALA A 719 -3.17 -11.66 -21.08
CA ALA A 719 -4.05 -12.82 -21.17
C ALA A 719 -3.38 -13.96 -20.45
N ARG A 720 -4.17 -14.99 -20.13
CA ARG A 720 -3.64 -16.12 -19.39
C ARG A 720 -4.57 -17.32 -19.59
N VAL A 721 -4.00 -18.51 -19.60
CA VAL A 721 -4.78 -19.73 -19.74
C VAL A 721 -4.36 -20.58 -18.58
N ALA A 722 -5.32 -21.13 -17.85
CA ALA A 722 -5.01 -21.94 -16.70
C ALA A 722 -5.86 -23.18 -16.66
N TYR A 723 -5.40 -24.17 -15.91
CA TYR A 723 -6.12 -25.40 -15.77
C TYR A 723 -5.92 -25.90 -14.35
N ASP A 724 -7.03 -26.31 -13.75
CA ASP A 724 -7.04 -26.84 -12.42
C ASP A 724 -7.25 -28.36 -12.58
N PHE A 725 -6.18 -29.14 -12.42
CA PHE A 725 -6.30 -30.58 -12.57
C PHE A 725 -7.13 -31.14 -11.43
N GLY A 726 -8.07 -32.03 -11.76
CA GLY A 726 -8.93 -32.62 -10.76
C GLY A 726 -8.81 -31.90 -9.43
N PRO A 727 -9.65 -30.88 -9.17
CA PRO A 727 -9.60 -30.13 -7.91
C PRO A 727 -9.22 -31.01 -6.73
N GLN A 728 -9.48 -32.31 -6.85
CA GLN A 728 -9.15 -33.28 -5.82
C GLN A 728 -7.71 -33.75 -6.08
N MET A 729 -7.31 -34.86 -5.47
CA MET A 729 -5.95 -35.38 -5.62
C MET A 729 -4.87 -34.47 -5.01
N ALA A 730 -4.62 -33.33 -5.66
CA ALA A 730 -3.61 -32.37 -5.18
C ALA A 730 -3.81 -30.92 -5.65
N ASP A 731 -5.05 -30.56 -5.96
CA ASP A 731 -5.40 -29.22 -6.41
C ASP A 731 -4.32 -28.54 -7.26
N LEU A 732 -3.69 -29.29 -8.15
CA LEU A 732 -2.67 -28.71 -9.01
C LEU A 732 -3.26 -27.67 -9.98
N ASN A 733 -2.69 -26.48 -10.00
CA ASN A 733 -3.13 -25.44 -10.93
C ASN A 733 -1.91 -25.04 -11.77
N LEU A 734 -2.10 -24.97 -13.07
CA LEU A 734 -1.00 -24.59 -13.97
C LEU A 734 -1.53 -23.46 -14.84
N ALA A 735 -0.63 -22.54 -15.22
CA ALA A 735 -1.05 -21.44 -16.06
C ALA A 735 0.14 -20.88 -16.83
N PHE A 736 -0.16 -20.32 -17.99
CA PHE A 736 0.80 -19.66 -18.85
C PHE A 736 0.12 -18.34 -19.20
N GLY A 737 0.83 -17.23 -19.11
CA GLY A 737 0.20 -15.97 -19.43
C GLY A 737 1.15 -15.01 -20.07
N VAL A 738 0.62 -13.87 -20.51
CA VAL A 738 1.43 -12.86 -21.13
C VAL A 738 0.93 -11.51 -20.62
N LYS A 739 1.87 -10.63 -20.31
CA LYS A 739 1.56 -9.28 -19.87
C LYS A 739 1.99 -8.39 -21.04
N ASN A 740 1.20 -7.35 -21.32
CA ASN A 740 1.48 -6.44 -22.43
C ASN A 740 1.67 -7.23 -23.72
N ILE A 741 0.62 -7.93 -24.11
CA ILE A 741 0.61 -8.77 -25.31
C ILE A 741 1.15 -8.11 -26.60
N PHE A 742 0.77 -6.85 -26.83
CA PHE A 742 1.18 -6.13 -28.02
C PHE A 742 2.50 -5.41 -27.91
N ASP A 743 3.20 -5.61 -26.79
CA ASP A 743 4.46 -4.96 -26.54
C ASP A 743 4.35 -3.44 -26.74
N GLN A 744 3.30 -2.87 -26.16
CA GLN A 744 3.08 -1.44 -26.23
C GLN A 744 4.18 -0.74 -25.40
N ASP A 745 4.90 0.17 -26.04
CA ASP A 745 5.95 0.89 -25.35
C ASP A 745 5.36 1.98 -24.48
N TYR A 746 5.95 2.19 -23.31
CA TYR A 746 5.57 3.27 -22.40
C TYR A 746 6.70 3.35 -21.42
N PHE A 747 6.67 4.39 -20.58
CA PHE A 747 7.70 4.62 -19.58
C PHE A 747 7.12 5.52 -18.49
N ILE A 748 7.88 5.65 -17.40
CA ILE A 748 7.53 6.53 -16.30
C ILE A 748 8.83 7.25 -16.02
N ARG A 749 8.81 8.26 -15.17
CA ARG A 749 10.02 8.99 -14.87
C ARG A 749 10.19 9.14 -13.37
N SER A 750 11.44 9.26 -12.95
CA SER A 750 11.68 9.61 -11.56
C SER A 750 12.23 11.02 -11.81
N TYR A 751 11.71 12.00 -11.08
CA TYR A 751 12.10 13.40 -11.28
C TYR A 751 13.22 13.96 -10.42
N ASP A 752 13.06 13.70 -9.13
CA ASP A 752 13.88 14.23 -8.04
C ASP A 752 14.98 13.40 -7.40
N ASP A 753 14.91 12.08 -7.52
CA ASP A 753 15.92 11.27 -6.88
C ASP A 753 17.22 11.25 -7.69
N ASN A 754 18.31 10.77 -7.10
CA ASN A 754 19.60 10.74 -7.78
C ASN A 754 19.66 9.85 -9.01
N ASN A 755 18.75 8.88 -9.11
CA ASN A 755 18.72 8.00 -10.27
C ASN A 755 17.57 8.41 -11.19
N LYS A 756 17.36 9.72 -11.28
CA LYS A 756 16.31 10.29 -12.09
C LYS A 756 16.47 9.91 -13.55
N GLY A 757 15.37 10.03 -14.29
CA GLY A 757 15.40 9.69 -15.69
C GLY A 757 14.22 8.87 -16.16
N ILE A 758 14.38 8.30 -17.35
CA ILE A 758 13.34 7.50 -17.96
C ILE A 758 13.46 6.03 -17.54
N TYR A 759 12.32 5.41 -17.24
CA TYR A 759 12.27 3.99 -16.84
C TYR A 759 11.36 3.25 -17.79
N ALA A 760 11.89 2.37 -18.62
CA ALA A 760 11.02 1.68 -19.55
C ALA A 760 9.91 0.94 -18.82
N GLY A 761 8.75 0.91 -19.43
CA GLY A 761 7.65 0.19 -18.84
C GLY A 761 7.80 -1.24 -19.22
N GLN A 762 7.16 -2.12 -18.46
CA GLN A 762 7.22 -3.54 -18.70
C GLN A 762 6.81 -3.87 -20.12
N PRO A 763 7.69 -4.55 -20.85
CA PRO A 763 7.41 -4.95 -22.24
C PRO A 763 6.65 -6.27 -22.27
N ARG A 764 6.40 -6.81 -23.46
CA ARG A 764 5.73 -8.10 -23.52
C ARG A 764 6.48 -9.03 -22.56
N THR A 765 5.76 -9.65 -21.63
CA THR A 765 6.37 -10.54 -20.63
C THR A 765 5.57 -11.85 -20.57
N LEU A 766 6.30 -12.96 -20.63
CA LEU A 766 5.69 -14.30 -20.58
C LEU A 766 5.92 -14.85 -19.19
N TYR A 767 4.91 -15.56 -18.66
CA TYR A 767 5.04 -16.13 -17.34
C TYR A 767 4.31 -17.46 -17.25
N MET A 768 4.72 -18.28 -16.29
CA MET A 768 4.07 -19.54 -16.04
C MET A 768 3.82 -19.56 -14.53
N GLN A 769 2.70 -20.16 -14.13
CA GLN A 769 2.37 -20.27 -12.73
C GLN A 769 2.06 -21.72 -12.43
N GLY A 770 2.37 -22.11 -11.19
CA GLY A 770 2.10 -23.45 -10.73
C GLY A 770 1.76 -23.39 -9.25
N SER A 771 0.76 -24.14 -8.81
CA SER A 771 0.43 -24.16 -7.40
C SER A 771 -0.07 -25.55 -6.99
N LEU A 772 0.20 -25.89 -5.75
CA LEU A 772 -0.27 -27.16 -5.21
C LEU A 772 -0.89 -26.90 -3.86
N LYS A 773 -1.88 -27.72 -3.53
CA LYS A 773 -2.59 -27.63 -2.27
C LYS A 773 -2.86 -29.02 -1.74
N PHE A 774 -2.36 -29.30 -0.54
CA PHE A 774 -2.56 -30.59 0.09
C PHE A 774 -3.32 -30.37 1.40
N1 LDA B . 14.27 -21.45 -0.51
O1 LDA B . 14.62 -21.27 -1.70
CM1 LDA B . 15.02 -22.55 0.08
CM2 LDA B . 14.71 -20.37 0.33
C1 LDA B . 12.84 -21.89 -0.30
C2 LDA B . 11.96 -22.08 -1.57
C3 LDA B . 10.52 -22.54 -1.14
C4 LDA B . 9.59 -22.46 -2.35
C5 LDA B . 8.43 -23.44 -2.26
C6 LDA B . 7.51 -23.06 -3.45
C7 LDA B . 7.41 -24.26 -4.40
C8 LDA B . 6.10 -24.22 -5.23
C9 LDA B . 6.31 -25.33 -6.25
C10 LDA B . 5.00 -26.07 -6.49
C11 LDA B . 4.75 -25.97 -7.99
C12 LDA B . 3.44 -26.67 -8.33
N1 LDA C . 11.53 -22.11 4.22
O1 LDA C . 10.74 -21.78 5.14
CM1 LDA C . 12.23 -23.32 4.63
CM2 LDA C . 10.82 -22.60 3.08
C1 LDA C . 12.64 -21.14 3.92
C2 LDA C . 12.73 -19.84 4.76
C3 LDA C . 13.97 -19.02 4.25
C4 LDA C . 14.40 -18.02 5.30
C5 LDA C . 15.82 -17.54 5.06
C6 LDA C . 16.02 -16.30 5.97
C7 LDA C . 16.85 -15.28 5.19
C8 LDA C . 18.30 -15.19 5.70
C9 LDA C . 19.12 -15.09 4.43
C10 LDA C . 20.58 -14.76 4.73
C11 LDA C . 20.87 -13.48 3.98
C12 LDA C . 21.48 -12.45 4.93
N1 LDA D . -11.80 -14.90 -23.42
O1 LDA D . -11.27 -15.88 -23.98
CM1 LDA D . -11.57 -14.98 -21.98
CM2 LDA D . -11.09 -13.70 -23.71
C1 LDA D . -13.29 -14.80 -23.56
C2 LDA D . -14.00 -15.93 -24.39
C3 LDA D . -15.55 -15.63 -24.40
C4 LDA D . -16.20 -16.53 -25.45
C5 LDA D . -16.63 -17.88 -24.90
C6 LDA D . -17.71 -18.40 -25.88
C7 LDA D . -17.78 -19.93 -25.77
C8 LDA D . -19.13 -20.50 -26.26
C9 LDA D . -18.72 -21.73 -27.03
C10 LDA D . -19.49 -21.82 -28.35
C11 LDA D . -18.48 -21.55 -29.46
C12 LDA D . -19.06 -20.55 -30.44
N1 LDA E . -1.92 -25.19 -18.95
O1 LDA E . -2.10 -24.83 -20.12
CM1 LDA E . -0.48 -25.25 -18.67
CM2 LDA E . -2.31 -24.17 -18.05
C1 LDA E . -2.42 -26.55 -18.60
C2 LDA E . -3.12 -27.35 -19.73
C3 LDA E . -3.57 -28.75 -19.16
C4 LDA E . -4.59 -29.34 -20.12
C5 LDA E . -5.59 -30.24 -19.42
C6 LDA E . -5.82 -31.40 -20.41
C7 LDA E . -7.33 -31.73 -20.44
C8 LDA E . -7.68 -32.94 -19.55
C9 LDA E . -8.06 -34.01 -20.55
C10 LDA E . -7.25 -35.28 -20.32
C11 LDA E . -7.05 -35.90 -21.70
C12 LDA E . -5.68 -36.58 -21.75
N1 LDA F . -18.26 7.50 -15.85
O1 LDA F . -19.31 8.10 -15.52
CM1 LDA F . -17.81 6.68 -14.72
CM2 LDA F . -18.51 6.48 -16.81
C1 LDA F . -17.05 8.37 -16.13
C2 LDA F . -17.23 9.92 -16.00
C3 LDA F . -15.87 10.61 -16.33
C4 LDA F . -16.10 12.10 -16.57
C5 LDA F . -15.35 12.99 -15.59
C6 LDA F . -14.66 14.08 -16.47
C7 LDA F . -15.50 15.37 -16.39
C8 LDA F . -14.72 16.54 -15.74
C9 LDA F . -15.70 17.07 -14.70
C10 LDA F . -15.45 18.55 -14.42
C11 LDA F . -16.83 19.22 -14.49
C12 LDA F . -17.19 19.81 -13.11
N1 LDA G . 6.25 -28.69 -1.53
O1 LDA G . 5.92 -27.81 -0.70
CM1 LDA G . 5.76 -28.31 -2.85
CM2 LDA G . 7.67 -28.65 -1.77
C1 LDA G . 5.66 -30.06 -1.32
C2 LDA G . 4.70 -30.27 -0.10
C3 LDA G . 4.24 -31.77 -0.11
C4 LDA G . 3.28 -32.04 1.05
C5 LDA G . 2.29 -33.15 0.75
C6 LDA G . 1.93 -33.79 2.12
C7 LDA G . 0.44 -34.23 2.09
C8 LDA G . -0.17 -34.28 3.53
C9 LDA G . -1.65 -34.50 3.28
C10 LDA G . -2.49 -33.63 4.22
C11 LDA G . -3.68 -34.47 4.66
C12 LDA G . -4.54 -33.66 5.62
N1 LDA H . -16.55 22.34 1.50
O1 LDA H . -15.73 21.85 0.69
CM1 LDA H . -15.95 22.39 2.83
CM2 LDA H . -16.75 23.74 1.25
C1 LDA H . -17.81 21.55 1.72
C2 LDA H . -17.97 20.22 0.93
C3 LDA H . -19.35 19.57 1.31
C4 LDA H . -20.02 19.01 0.06
C5 LDA H . -20.07 17.48 0.05
C6 LDA H . -19.96 17.07 -1.46
C7 LDA H . -18.78 16.10 -1.64
C8 LDA H . -18.91 15.20 -2.90
C9 LDA H . -17.67 15.55 -3.71
C10 LDA H . -18.04 16.41 -4.93
C11 LDA H . -16.72 16.77 -5.60
C12 LDA H . -16.78 16.46 -7.09
N1 LDA I . -15.66 21.94 8.37
O1 LDA I . -16.51 21.84 7.46
CM1 LDA I . -14.31 21.79 7.81
CM2 LDA I . -15.58 23.28 8.86
C1 LDA I . -15.71 20.88 9.43
C2 LDA I . -16.80 19.75 9.33
C3 LDA I . -16.60 18.80 10.56
C4 LDA I . -17.81 17.88 10.69
C5 LDA I . -17.46 16.59 11.42
C6 LDA I . -18.80 16.04 11.95
C7 LDA I . -18.66 15.77 13.45
C8 LDA I . -19.77 14.85 14.01
C9 LDA I . -20.75 15.83 14.64
C10 LDA I . -20.81 15.66 16.16
C11 LDA I . -21.19 17.04 16.72
C12 LDA I . -21.38 16.94 18.24
N1 LDA J . -7.22 -0.90 29.77
O1 LDA J . -6.92 -0.34 30.86
CM1 LDA J . -7.73 -2.25 30.05
CM2 LDA J . -8.38 -0.30 29.20
C1 LDA J . -6.08 -1.16 28.82
C2 LDA J . -4.65 -0.72 29.28
C3 LDA J . -3.62 -1.10 28.15
C4 LDA J . -2.23 -0.65 28.57
C5 LDA J . -1.89 0.76 28.10
C6 LDA J . -0.59 1.10 28.86
C7 LDA J . 0.02 2.38 28.25
C8 LDA J . 1.56 2.44 28.41
C9 LDA J . 1.90 3.76 27.75
C10 LDA J . 2.38 4.78 28.78
C11 LDA J . 3.69 5.35 28.26
C12 LDA J . 3.61 6.86 28.26
N1 LDA K . -1.03 9.65 28.85
O1 LDA K . -1.29 9.82 27.64
CM1 LDA K . 0.43 9.62 29.04
CM2 LDA K . -1.37 10.81 29.62
C1 LDA K . -1.47 8.34 29.44
C2 LDA K . -2.18 7.35 28.48
C3 LDA K . -2.57 6.04 29.27
C4 LDA K . -4.01 5.73 28.94
C5 LDA K . -4.25 4.26 28.67
C6 LDA K . -5.68 4.02 29.20
C7 LDA K . -6.30 2.90 28.38
C8 LDA K . -7.76 3.23 27.97
C9 LDA K . -7.94 2.41 26.69
C10 LDA K . -9.37 2.51 26.16
C11 LDA K . -9.66 1.18 25.49
C12 LDA K . -10.59 0.36 26.37
N1 LDA L . 9.83 -32.01 0.69
O1 LDA L . 10.69 -32.72 1.28
CM1 LDA L . 9.91 -30.65 1.21
CM2 LDA L . 10.20 -31.77 -0.67
C1 LDA L . 8.39 -32.39 0.92
C2 LDA L . 8.10 -33.61 1.84
C3 LDA L . 6.55 -33.81 1.95
C4 LDA L . 6.27 -35.23 2.41
C5 LDA L . 5.23 -35.30 3.52
C6 LDA L . 5.15 -36.80 3.89
C7 LDA L . 3.77 -37.09 4.53
C8 LDA L . 2.71 -37.53 3.48
C9 LDA L . 2.65 -39.05 3.66
C10 LDA L . 1.34 -39.49 4.30
C11 LDA L . 0.51 -40.08 3.17
C12 LDA L . -0.93 -39.57 3.29
N1 LDA M . -14.92 22.76 18.93
O1 LDA M . -14.32 23.23 19.94
CM1 LDA M . -15.61 23.85 18.24
CM2 LDA M . -13.99 22.36 17.93
C1 LDA M . -16.02 21.77 19.22
C2 LDA M . -16.31 21.42 20.71
C3 LDA M . -17.48 20.38 20.78
C4 LDA M . -17.05 19.21 21.64
C5 LDA M . -17.80 19.12 22.96
C6 LDA M . -18.60 17.79 22.89
C7 LDA M . -20.10 18.11 23.05
C8 LDA M . -20.59 17.97 24.52
C9 LDA M . -21.20 19.33 24.82
C10 LDA M . -21.10 19.65 26.32
C11 LDA M . -20.10 20.80 26.44
C12 LDA M . -19.51 20.79 27.84
N1 LDA N . -27.26 9.26 2.28
O1 LDA N . -26.91 8.08 2.03
CM1 LDA N . -26.90 9.60 3.66
CM2 LDA N . -26.45 10.19 1.56
C1 LDA N . -28.73 9.55 2.23
C2 LDA N . -29.69 8.39 1.88
C3 LDA N . -31.15 8.96 1.90
C4 LDA N . -31.95 8.36 0.76
C5 LDA N . -33.40 8.82 0.77
C6 LDA N . -34.22 7.58 1.22
C7 LDA N . -35.09 7.98 2.42
C8 LDA N . -36.60 7.82 2.14
C9 LDA N . -37.16 7.38 3.49
C10 LDA N . -38.05 6.14 3.34
C11 LDA N . -39.46 6.59 3.71
C12 LDA N . -40.30 6.73 2.45
N1 LDA O . -16.61 16.89 18.03
O1 LDA O . -17.05 17.28 19.13
CM1 LDA O . -17.22 17.69 16.95
CM2 LDA O . -15.24 17.27 17.87
C1 LDA O . -16.94 15.47 17.64
C2 LDA O . -17.80 14.64 18.65
C3 LDA O . -18.05 13.19 18.07
C4 LDA O . -18.06 12.18 19.22
C5 LDA O . -18.82 10.90 18.87
C6 LDA O . -18.75 10.01 20.15
C7 LDA O . -20.20 9.62 20.56
C8 LDA O . -20.24 8.74 21.85
C9 LDA O . -21.71 8.31 21.91
C10 LDA O . -22.10 7.87 23.32
C11 LDA O . -23.52 8.39 23.55
C12 LDA O . -24.50 7.22 23.58
N1 LDA P . -7.01 -15.96 31.08
O1 LDA P . -7.20 -16.25 29.88
CM1 LDA P . -8.29 -15.71 31.74
CM2 LDA P . -6.56 -17.10 31.83
C1 LDA P . -6.26 -14.68 31.36
C2 LDA P . -5.79 -13.85 30.14
C3 LDA P . -5.05 -12.58 30.67
C4 LDA P . -5.34 -11.41 29.73
C5 LDA P . -4.14 -10.47 29.57
C6 LDA P . -3.33 -11.00 28.34
C7 LDA P . -2.08 -10.12 28.17
C8 LDA P . -1.35 -10.36 26.83
C9 LDA P . -1.51 -9.00 26.13
C10 LDA P . -0.62 -8.90 24.88
C11 LDA P . -0.59 -7.42 24.50
C12 LDA P . 0.82 -6.88 24.74
N1 LDA Q . 5.47 -0.85 25.48
O1 LDA Q . 4.90 -0.20 24.58
CM1 LDA Q . 6.84 -0.33 25.64
CM2 LDA Q . 4.93 -0.56 26.76
C1 LDA Q . 5.70 -2.31 25.19
C2 LDA Q . 5.18 -2.85 23.82
C3 LDA Q . 5.50 -4.38 23.74
C4 LDA Q . 4.84 -4.96 22.50
C5 LDA Q . 4.47 -6.42 22.66
C6 LDA Q . 4.99 -7.13 21.38
C7 LDA Q . 5.90 -8.29 21.78
C8 LDA Q . 7.39 -7.86 21.87
C9 LDA Q . 8.12 -9.19 22.01
C10 LDA Q . 9.39 -9.03 22.84
C11 LDA Q . 9.20 -9.92 24.06
C12 LDA Q . 9.90 -9.30 25.26
N1 LDA R . -7.25 -16.46 -24.61
O1 LDA R . -7.99 -15.93 -23.75
CM1 LDA R . -6.95 -15.48 -25.65
CM2 LDA R . -5.93 -16.68 -24.08
C1 LDA R . -7.81 -17.62 -25.39
C2 LDA R . -9.28 -18.06 -25.08
C3 LDA R . -9.64 -19.27 -26.02
C4 LDA R . -11.14 -19.55 -25.92
C5 LDA R . -11.44 -21.04 -25.86
C6 LDA R . -12.82 -21.20 -26.55
C7 LDA R . -13.24 -22.68 -26.45
C8 LDA R . -14.64 -22.86 -25.77
C9 LDA R . -14.77 -24.37 -25.63
C10 LDA R . -15.08 -24.77 -24.19
C11 LDA R . -14.08 -25.88 -23.84
C12 LDA R . -14.64 -26.73 -22.71
C1 HTO S . -25.90 0.00 -8.88
O1 HTO S . -24.98 0.96 -8.28
C2 HTO S . -26.79 0.69 -9.92
O2 HTO S . -25.93 1.28 -10.92
C3 HTO S . -27.82 -0.32 -10.61
O3 HTO S . -28.61 0.38 -11.59
C4 HTO S . -28.78 -0.98 -9.59
C5 HTO S . -29.73 -2.08 -10.19
C6 HTO S . -31.22 -1.80 -10.04
C7 HTO S . -32.07 -3.04 -10.31
C1 HTO T . -25.29 8.96 -4.38
O1 HTO T . -24.54 10.19 -4.14
C2 HTO T . -25.18 8.52 -5.86
O2 HTO T . -23.77 8.32 -6.15
C3 HTO T . -26.00 7.17 -6.17
O3 HTO T . -25.84 6.84 -7.55
C4 HTO T . -27.52 7.30 -5.88
C5 HTO T . -28.40 6.06 -6.28
C6 HTO T . -29.76 5.95 -5.55
C7 HTO T . -30.93 5.80 -6.51
#